data_3CTT
#
_entry.id   3CTT
#
_cell.length_a   86.692
_cell.length_b   109.131
_cell.length_c   109.438
_cell.angle_alpha   90.000
_cell.angle_beta   90.000
_cell.angle_gamma   90.000
#
_symmetry.space_group_name_H-M   'P 21 21 21'
#
loop_
_entity.id
_entity.type
_entity.pdbx_description
1 polymer Maltase-glucoamylase
2 non-polymer 2-acetamido-2-deoxy-beta-D-glucopyranose
3 non-polymer 'SULFATE ION'
4 non-polymer CASUARINE
5 non-polymer GLYCEROL
6 water water
#
_entity_poly.entity_id   1
_entity_poly.type   'polypeptide(L)'
_entity_poly.pdbx_seq_one_letter_code
;SAECPVVNELERINCIPDQPPTKATCDQRGCCWNPQGAVSVPWCYYSKNHSYHVEGNLVNTNAGFTARLKNLPSSPVFGS
NVDNVLLTAEYQTSNRFHFKLTDQTNNRFEVPHEHVQSFSGNAAASLTYQVEISRQPFSIKVTRRSNNRVLFDSSIGPLL
FADQFLQLSTRLPSTNVYGLGEHVHQQYRHDMNWKTWPIFNRDTTPNGNGTNLYGAQTFFLCLEDASGLSFGVFLMNSNA
MEVVLQPAPAITYRTIGGILDFYVFLGNTPEQVVQEYLELIGRPALPSYWALGFHLSRYEYGTLDNMREVVERNRAAQLP
YDVQHADIDYMDERRDFTYDSVDFKGFPEFVNELHNNGQKLVIIVDPAISNNSSSSKPYGPYDRGSDMKIWVNSSDGVTP
LIGEVWPGQTVFPDYTNPNCAVWWTKEFELFHNQVEFDGIWIDMNEVSNFVDGSVSGCSTNNLNNPPFTPRILDGYLFCK
TLCMDAVQHWGKQYDIHNLYGYSMAVATAEAAKTVFPNKRSFILTRSTFAGSGKFAAHWLGDNTATWDDLRWSIPGVLEF
NLFGIPMVGPDICGFALDTPEELCRRWMQLGAFYPFSRNHNGQGYKDQDPASFGADSLLLNSSRHYLNIRYTLLPYLYTL
FFRAHSRGDTVARPLLHEFYEDNSTWDVHQQFLWGPGLLITPVLDEGAEKVMAYVPDAVWYDYETGSQVRWRKQKVEMEL
PGDKIGLHLRGGYIFPTQQPNTTTLASRKNPLGLIIALDENKEAKGELFWDDGETKDTVANKVYLLCEFSVTQNRLEVNI
SQSTYKDPNNLAFNEIKILGTEEPSNVTVKHNGVPSQTSPTVTYDSNLKVAIITDIDLLLGEAYTVEWAH
;
_entity_poly.pdbx_strand_id   A
#
# COMPACT_ATOMS: atom_id res chain seq x y z
N VAL A 7 -4.23 -38.71 -7.95
CA VAL A 7 -4.11 -37.24 -7.76
C VAL A 7 -5.46 -36.59 -8.12
N ASN A 8 -6.18 -36.10 -7.11
CA ASN A 8 -7.29 -35.18 -7.36
C ASN A 8 -6.78 -34.13 -8.36
N GLU A 9 -7.54 -33.91 -9.43
CA GLU A 9 -7.15 -32.96 -10.47
C GLU A 9 -6.92 -31.48 -10.01
N LEU A 10 -7.53 -31.06 -8.90
CA LEU A 10 -7.31 -29.72 -8.35
C LEU A 10 -5.93 -29.60 -7.73
N GLU A 11 -5.30 -30.73 -7.45
CA GLU A 11 -4.02 -30.78 -6.81
C GLU A 11 -2.85 -30.95 -7.80
N ARG A 12 -3.17 -31.07 -9.10
CA ARG A 12 -2.15 -31.20 -10.15
C ARG A 12 -1.32 -29.94 -10.29
N ILE A 13 -0.01 -30.10 -10.35
CA ILE A 13 0.92 -28.97 -10.46
C ILE A 13 1.48 -29.02 -11.89
N ASN A 14 1.15 -27.99 -12.67
CA ASN A 14 1.40 -27.94 -14.09
C ASN A 14 2.91 -28.01 -14.35
N CYS A 15 3.28 -29.01 -15.14
CA CYS A 15 4.64 -29.30 -15.58
C CYS A 15 4.96 -28.65 -16.92
N ILE A 16 3.92 -28.12 -17.58
CA ILE A 16 4.11 -27.37 -18.84
C ILE A 16 3.51 -25.95 -18.78
N PRO A 17 4.19 -25.02 -18.06
CA PRO A 17 3.71 -23.63 -17.92
C PRO A 17 4.05 -22.73 -19.10
N ASP A 18 4.92 -23.24 -19.98
CA ASP A 18 5.63 -22.49 -21.01
C ASP A 18 5.07 -22.66 -22.42
N GLN A 19 4.14 -23.58 -22.61
CA GLN A 19 3.63 -23.88 -23.94
C GLN A 19 2.28 -24.60 -23.91
N PRO A 20 1.57 -24.70 -25.07
CA PRO A 20 0.43 -25.62 -25.12
C PRO A 20 0.87 -27.07 -24.82
N PRO A 21 0.14 -27.76 -23.90
CA PRO A 21 0.55 -29.07 -23.37
C PRO A 21 0.56 -30.19 -24.43
N THR A 22 1.67 -30.91 -24.54
CA THR A 22 1.67 -32.10 -25.40
C THR A 22 2.19 -33.31 -24.65
N LYS A 23 1.77 -34.50 -25.07
CA LYS A 23 2.30 -35.73 -24.49
C LYS A 23 3.80 -35.90 -24.74
N ALA A 24 4.30 -35.52 -25.91
CA ALA A 24 5.74 -35.60 -26.19
C ALA A 24 6.60 -34.75 -25.24
N THR A 25 6.21 -33.50 -25.02
CA THR A 25 6.91 -32.69 -24.04
C THR A 25 6.69 -33.28 -22.63
N CYS A 26 5.47 -33.73 -22.36
CA CYS A 26 5.18 -34.34 -21.09
C CYS A 26 6.13 -35.51 -20.78
N ASP A 27 6.28 -36.43 -21.75
CA ASP A 27 7.15 -37.61 -21.61
C ASP A 27 8.63 -37.23 -21.50
N GLN A 28 9.07 -36.22 -22.26
CA GLN A 28 10.48 -35.78 -22.19
C GLN A 28 10.84 -35.23 -20.81
N ARG A 29 9.88 -34.59 -20.16
CA ARG A 29 10.08 -34.01 -18.83
C ARG A 29 9.83 -34.97 -17.69
N GLY A 30 9.38 -36.19 -17.98
CA GLY A 30 9.12 -37.18 -16.96
C GLY A 30 7.89 -36.85 -16.13
N CYS A 31 6.86 -36.26 -16.73
CA CYS A 31 5.68 -35.82 -15.97
C CYS A 31 4.47 -36.71 -16.26
N CYS A 32 3.30 -36.38 -15.72
CA CYS A 32 2.12 -37.24 -15.86
C CYS A 32 1.16 -36.65 -16.87
N TRP A 33 0.52 -37.51 -17.66
CA TRP A 33 -0.35 -37.05 -18.73
C TRP A 33 -1.77 -37.56 -18.50
N ASN A 34 -2.72 -36.63 -18.47
CA ASN A 34 -4.14 -36.93 -18.33
C ASN A 34 -4.95 -35.76 -18.87
N PRO A 35 -5.26 -35.79 -20.19
CA PRO A 35 -6.04 -34.69 -20.76
C PRO A 35 -7.52 -34.64 -20.37
N GLN A 36 -7.97 -35.46 -19.41
CA GLN A 36 -9.42 -35.52 -19.11
C GLN A 36 -9.93 -34.74 -17.86
N GLY A 37 -9.22 -33.69 -17.45
CA GLY A 37 -9.75 -32.79 -16.42
C GLY A 37 -10.66 -31.71 -17.00
N ALA A 38 -11.19 -30.82 -16.15
CA ALA A 38 -11.99 -29.67 -16.60
C ALA A 38 -11.10 -28.53 -17.15
N VAL A 39 -11.72 -27.42 -17.52
CA VAL A 39 -10.98 -26.25 -18.03
C VAL A 39 -9.87 -25.78 -17.09
N SER A 40 -8.67 -25.59 -17.65
CA SER A 40 -7.49 -25.08 -16.92
C SER A 40 -6.80 -26.14 -16.07
N VAL A 41 -7.46 -27.28 -15.82
CA VAL A 41 -6.79 -28.41 -15.16
C VAL A 41 -5.60 -28.85 -16.05
N PRO A 42 -4.37 -28.88 -15.50
CA PRO A 42 -3.21 -29.15 -16.35
C PRO A 42 -3.24 -30.56 -16.93
N TRP A 43 -3.03 -30.67 -18.24
CA TRP A 43 -3.01 -31.96 -18.88
C TRP A 43 -1.72 -32.68 -18.49
N CYS A 44 -0.68 -31.89 -18.23
CA CYS A 44 0.63 -32.41 -17.87
C CYS A 44 1.05 -31.87 -16.50
N TYR A 45 1.26 -32.77 -15.56
CA TYR A 45 1.52 -32.39 -14.17
C TYR A 45 2.67 -33.19 -13.60
N TYR A 46 3.28 -32.70 -12.52
CA TYR A 46 4.45 -33.37 -11.99
C TYR A 46 4.07 -34.67 -11.33
N SER A 47 4.98 -35.64 -11.46
CA SER A 47 4.86 -36.96 -10.80
C SER A 47 5.22 -36.84 -9.33
N LYS A 48 4.83 -37.86 -8.54
CA LYS A 48 4.84 -37.83 -7.07
C LYS A 48 6.21 -37.92 -6.44
N ASN A 49 7.20 -38.22 -7.25
CA ASN A 49 8.56 -38.36 -6.81
C ASN A 49 9.42 -37.98 -8.01
N HIS A 50 10.32 -37.03 -7.76
CA HIS A 50 10.84 -36.05 -8.72
C HIS A 50 11.23 -35.00 -7.69
N SER A 51 12.16 -34.12 -8.07
CA SER A 51 12.61 -33.01 -7.22
C SER A 51 13.83 -33.40 -6.37
N TYR A 52 13.81 -33.00 -5.11
CA TYR A 52 15.00 -33.12 -4.30
C TYR A 52 14.79 -34.13 -3.19
N HIS A 53 15.90 -34.66 -2.67
CA HIS A 53 15.82 -35.48 -1.45
C HIS A 53 16.79 -34.92 -0.44
N VAL A 54 16.45 -35.09 0.84
CA VAL A 54 17.36 -34.70 1.91
C VAL A 54 18.51 -35.70 1.86
N GLU A 55 19.74 -35.22 1.84
CA GLU A 55 20.88 -36.08 1.97
C GLU A 55 21.41 -36.04 3.42
N GLY A 56 21.42 -37.18 4.09
CA GLY A 56 22.04 -37.25 5.42
C GLY A 56 21.06 -36.74 6.48
N ASN A 57 21.62 -36.27 7.60
CA ASN A 57 20.84 -35.69 8.68
C ASN A 57 20.71 -34.17 8.61
N LEU A 58 19.60 -33.68 9.14
CA LEU A 58 19.43 -32.28 9.47
C LEU A 58 20.38 -31.95 10.61
N VAL A 59 20.88 -30.73 10.61
CA VAL A 59 21.84 -30.29 11.59
C VAL A 59 21.20 -29.15 12.37
N ASN A 60 21.09 -29.28 13.70
CA ASN A 60 20.70 -28.17 14.54
C ASN A 60 21.70 -27.02 14.54
N THR A 61 21.18 -25.80 14.45
CA THR A 61 21.98 -24.59 14.56
C THR A 61 21.39 -23.80 15.73
N ASN A 62 22.03 -22.69 16.11
CA ASN A 62 21.46 -21.78 17.15
C ASN A 62 20.08 -21.24 16.78
N ALA A 63 19.90 -20.94 15.49
CA ALA A 63 18.70 -20.35 14.93
C ALA A 63 17.56 -21.33 14.60
N GLY A 64 17.92 -22.58 14.30
CA GLY A 64 17.02 -23.60 13.82
C GLY A 64 17.78 -24.83 13.34
N PHE A 65 17.85 -25.02 12.03
CA PHE A 65 18.52 -26.15 11.43
C PHE A 65 18.85 -25.89 9.95
N THR A 66 19.76 -26.70 9.43
CA THR A 66 20.09 -26.74 8.00
C THR A 66 19.92 -28.18 7.50
N ALA A 67 19.71 -28.33 6.19
CA ALA A 67 19.60 -29.63 5.56
C ALA A 67 20.26 -29.55 4.20
N ARG A 68 20.89 -30.63 3.79
CA ARG A 68 21.43 -30.69 2.44
C ARG A 68 20.43 -31.40 1.57
N LEU A 69 20.05 -30.74 0.48
CA LEU A 69 19.17 -31.34 -0.51
C LEU A 69 19.97 -31.68 -1.78
N LYS A 70 19.74 -32.87 -2.31
CA LYS A 70 20.43 -33.33 -3.49
C LYS A 70 19.39 -33.51 -4.58
N ASN A 71 19.68 -32.99 -5.77
CA ASN A 71 18.82 -33.15 -6.94
C ASN A 71 18.72 -34.63 -7.36
N LEU A 72 17.49 -35.14 -7.45
CA LEU A 72 17.22 -36.41 -8.11
C LEU A 72 17.27 -36.13 -9.61
N PRO A 73 18.30 -36.63 -10.31
CA PRO A 73 18.44 -36.25 -11.73
C PRO A 73 17.11 -36.30 -12.49
N SER A 74 16.87 -35.25 -13.27
CA SER A 74 15.73 -35.20 -14.18
C SER A 74 16.07 -34.30 -15.36
N SER A 75 15.09 -34.07 -16.23
CA SER A 75 15.27 -33.28 -17.45
C SER A 75 15.65 -31.83 -17.18
N PRO A 76 16.64 -31.31 -17.93
CA PRO A 76 17.02 -29.91 -17.87
C PRO A 76 16.16 -29.07 -18.83
N VAL A 77 15.01 -28.62 -18.35
CA VAL A 77 14.03 -27.90 -19.16
C VAL A 77 14.38 -26.42 -19.34
N PHE A 78 14.56 -25.72 -18.23
CA PHE A 78 14.84 -24.30 -18.30
C PHE A 78 16.27 -24.01 -17.87
N GLY A 79 17.17 -24.88 -18.33
CA GLY A 79 18.60 -24.67 -18.19
C GLY A 79 19.26 -25.27 -16.97
N SER A 80 20.40 -24.66 -16.64
CA SER A 80 21.37 -25.09 -15.64
C SER A 80 20.79 -25.29 -14.22
N ASN A 81 20.52 -26.55 -13.90
CA ASN A 81 19.94 -26.99 -12.64
C ASN A 81 20.94 -26.96 -11.47
N VAL A 82 20.41 -26.88 -10.24
CA VAL A 82 21.23 -26.77 -9.03
C VAL A 82 21.22 -28.10 -8.28
N ASP A 83 22.37 -28.78 -8.34
CA ASP A 83 22.50 -30.17 -7.85
C ASP A 83 22.51 -30.30 -6.33
N ASN A 84 23.17 -29.36 -5.65
CA ASN A 84 23.20 -29.37 -4.19
C ASN A 84 22.64 -28.11 -3.59
N VAL A 85 21.46 -28.24 -2.98
CA VAL A 85 20.73 -27.12 -2.40
C VAL A 85 20.84 -27.16 -0.86
N LEU A 86 20.95 -25.98 -0.23
CA LEU A 86 21.02 -25.90 1.19
C LEU A 86 19.71 -25.32 1.70
N LEU A 87 19.08 -26.04 2.61
CA LEU A 87 17.96 -25.46 3.33
C LEU A 87 18.49 -24.93 4.66
N THR A 88 18.23 -23.65 4.93
CA THR A 88 18.55 -23.01 6.18
C THR A 88 17.21 -22.54 6.76
N ALA A 89 16.86 -23.05 7.93
CA ALA A 89 15.61 -22.68 8.61
C ALA A 89 15.88 -21.97 9.91
N GLU A 90 15.19 -20.85 10.14
CA GLU A 90 15.41 -20.02 11.31
C GLU A 90 14.08 -19.76 12.03
N TYR A 91 14.04 -20.19 13.29
CA TYR A 91 12.90 -19.98 14.19
C TYR A 91 13.00 -18.57 14.77
N GLN A 92 12.62 -17.57 14.00
CA GLN A 92 13.07 -16.21 14.28
C GLN A 92 12.33 -15.58 15.46
N THR A 93 11.03 -15.80 15.55
CA THR A 93 10.21 -15.31 16.66
C THR A 93 9.15 -16.34 16.89
N SER A 94 8.35 -16.21 17.95
CA SER A 94 7.26 -17.12 18.16
C SER A 94 6.28 -17.15 17.00
N ASN A 95 6.25 -16.07 16.20
CA ASN A 95 5.26 -15.96 15.14
C ASN A 95 5.78 -15.86 13.72
N ARG A 96 7.10 -15.89 13.56
CA ARG A 96 7.72 -15.71 12.25
C ARG A 96 8.73 -16.80 12.05
N PHE A 97 8.49 -17.61 11.02
CA PHE A 97 9.41 -18.65 10.60
C PHE A 97 10.08 -18.15 9.32
N HIS A 98 11.38 -18.39 9.21
CA HIS A 98 12.16 -18.02 8.04
C HIS A 98 12.86 -19.27 7.46
N PHE A 99 12.69 -19.53 6.18
CA PHE A 99 13.53 -20.55 5.53
C PHE A 99 14.04 -20.11 4.17
N LYS A 100 15.24 -20.55 3.83
CA LYS A 100 15.81 -20.24 2.53
C LYS A 100 16.49 -21.45 1.91
N LEU A 101 16.33 -21.56 0.59
CA LEU A 101 16.94 -22.58 -0.23
C LEU A 101 18.00 -21.88 -1.07
N THR A 102 19.24 -22.31 -0.94
CA THR A 102 20.31 -21.61 -1.64
C THR A 102 21.13 -22.69 -2.33
N ASP A 103 22.02 -22.29 -3.22
CA ASP A 103 22.91 -23.23 -3.86
C ASP A 103 24.04 -23.49 -2.86
N GLN A 104 24.26 -24.76 -2.53
CA GLN A 104 25.25 -25.09 -1.51
C GLN A 104 26.68 -24.65 -1.83
N THR A 105 27.02 -24.64 -3.13
CA THR A 105 28.41 -24.41 -3.55
C THR A 105 28.62 -23.14 -4.38
N ASN A 106 27.60 -22.27 -4.45
CA ASN A 106 27.67 -21.02 -5.18
C ASN A 106 26.80 -19.95 -4.54
N ASN A 107 27.36 -18.75 -4.36
CA ASN A 107 26.64 -17.57 -3.90
C ASN A 107 25.64 -17.12 -4.97
N ARG A 108 24.39 -16.84 -4.60
CA ARG A 108 23.42 -16.37 -5.60
C ARG A 108 22.91 -14.99 -5.19
N PHE A 109 22.27 -14.28 -6.13
CA PHE A 109 21.77 -12.97 -5.82
C PHE A 109 20.70 -13.07 -4.71
N GLU A 110 20.83 -12.20 -3.70
CA GLU A 110 19.84 -12.11 -2.62
C GLU A 110 19.49 -10.64 -2.46
N VAL A 111 18.20 -10.36 -2.27
CA VAL A 111 17.73 -8.98 -2.21
C VAL A 111 18.47 -8.24 -1.13
N PRO A 112 19.13 -7.12 -1.49
CA PRO A 112 19.84 -6.29 -0.52
C PRO A 112 18.88 -5.31 0.19
N HIS A 113 17.86 -5.84 0.88
CA HIS A 113 16.81 -5.03 1.50
C HIS A 113 17.37 -4.09 2.57
N GLU A 114 16.87 -2.86 2.59
CA GLU A 114 17.38 -1.81 3.51
C GLU A 114 16.98 -2.09 4.97
N HIS A 115 15.74 -2.56 5.17
CA HIS A 115 15.25 -2.80 6.52
C HIS A 115 15.63 -4.18 7.07
N VAL A 116 15.31 -5.24 6.32
CA VAL A 116 15.51 -6.60 6.79
C VAL A 116 16.98 -6.90 7.04
N GLN A 117 17.25 -7.43 8.23
CA GLN A 117 18.60 -7.80 8.62
C GLN A 117 18.73 -9.30 8.66
N SER A 118 19.93 -9.79 8.35
CA SER A 118 20.28 -11.19 8.59
C SER A 118 20.03 -11.55 10.05
N PHE A 119 19.72 -12.81 10.28
CA PHE A 119 19.39 -13.25 11.60
C PHE A 119 20.60 -13.84 12.30
N SER A 120 20.93 -13.25 13.45
CA SER A 120 21.90 -13.82 14.38
C SER A 120 21.22 -13.82 15.74
N GLY A 121 20.38 -14.81 15.94
CA GLY A 121 19.81 -15.04 17.25
C GLY A 121 19.80 -16.53 17.50
N ASN A 122 19.28 -16.90 18.67
CA ASN A 122 18.90 -18.25 18.98
C ASN A 122 17.44 -18.47 18.57
N ALA A 123 17.11 -19.70 18.21
CA ALA A 123 15.73 -20.10 17.99
C ALA A 123 14.84 -19.53 19.09
N ALA A 124 13.71 -18.95 18.70
CA ALA A 124 12.81 -18.33 19.63
C ALA A 124 12.14 -19.41 20.45
N ALA A 125 11.70 -19.03 21.64
CA ALA A 125 10.97 -19.92 22.51
C ALA A 125 9.47 -19.76 22.24
N SER A 126 8.69 -20.69 22.79
CA SER A 126 7.22 -20.63 22.77
C SER A 126 6.66 -20.38 21.38
N LEU A 127 7.01 -21.26 20.45
CA LEU A 127 6.62 -21.12 19.05
C LEU A 127 5.14 -21.45 18.87
N THR A 128 4.44 -20.65 18.06
CA THR A 128 3.04 -20.89 17.73
C THR A 128 2.95 -21.82 16.54
N TYR A 129 4.09 -22.16 15.95
CA TYR A 129 4.16 -23.06 14.78
C TYR A 129 5.13 -24.25 15.00
N GLN A 130 4.94 -25.30 14.21
CA GLN A 130 5.87 -26.43 14.14
C GLN A 130 6.32 -26.63 12.66
N VAL A 131 7.56 -27.07 12.46
CA VAL A 131 8.13 -27.31 11.15
C VAL A 131 8.46 -28.80 10.99
N GLU A 132 7.97 -29.39 9.91
CA GLU A 132 8.11 -30.81 9.67
C GLU A 132 8.84 -30.91 8.32
N ILE A 133 9.91 -31.67 8.27
CA ILE A 133 10.67 -31.90 7.03
C ILE A 133 10.58 -33.34 6.63
N SER A 134 10.28 -33.60 5.36
CA SER A 134 10.27 -34.93 4.80
C SER A 134 11.48 -35.07 3.91
N ARG A 135 12.04 -36.27 3.86
CA ARG A 135 13.37 -36.50 3.31
C ARG A 135 13.27 -36.98 1.88
N GLN A 136 12.33 -37.89 1.63
CA GLN A 136 12.33 -38.65 0.38
C GLN A 136 10.92 -38.77 -0.22
N PRO A 137 10.51 -37.78 -1.04
CA PRO A 137 11.27 -36.63 -1.49
C PRO A 137 11.12 -35.43 -0.52
N PHE A 138 11.94 -34.40 -0.71
CA PHE A 138 11.91 -33.21 0.12
C PHE A 138 10.55 -32.52 0.12
N SER A 139 10.08 -32.20 1.32
CA SER A 139 8.97 -31.27 1.48
C SER A 139 9.12 -30.56 2.82
N ILE A 140 8.62 -29.32 2.91
CA ILE A 140 8.63 -28.53 4.14
C ILE A 140 7.19 -28.20 4.47
N LYS A 141 6.81 -28.40 5.73
CA LYS A 141 5.44 -28.18 6.18
C LYS A 141 5.53 -27.29 7.42
N VAL A 142 4.64 -26.30 7.50
CA VAL A 142 4.58 -25.45 8.67
C VAL A 142 3.16 -25.57 9.19
N THR A 143 3.05 -25.96 10.45
CA THR A 143 1.75 -26.21 11.07
C THR A 143 1.50 -25.26 12.24
N ARG A 144 0.24 -24.95 12.48
CA ARG A 144 -0.13 -24.21 13.66
C ARG A 144 -0.19 -25.23 14.82
N ARG A 145 0.56 -24.95 15.88
CA ARG A 145 0.69 -25.84 17.03
C ARG A 145 -0.67 -26.05 17.74
N SER A 146 -1.42 -24.97 17.98
CA SER A 146 -2.70 -25.04 18.72
C SER A 146 -3.62 -26.13 18.16
N ASN A 147 -3.87 -26.09 16.85
CA ASN A 147 -4.80 -27.02 16.20
C ASN A 147 -4.17 -27.94 15.12
N ASN A 148 -2.84 -27.93 15.02
CA ASN A 148 -2.12 -28.65 13.97
C ASN A 148 -2.67 -28.40 12.57
N ARG A 149 -3.15 -27.19 12.31
CA ARG A 149 -3.66 -26.84 10.97
C ARG A 149 -2.42 -26.73 10.11
N VAL A 150 -2.41 -27.42 8.99
CA VAL A 150 -1.29 -27.33 8.08
C VAL A 150 -1.41 -26.01 7.36
N LEU A 151 -0.40 -25.13 7.51
CA LEU A 151 -0.45 -23.81 6.86
C LEU A 151 0.35 -23.77 5.52
N PHE A 152 1.65 -24.03 5.57
CA PHE A 152 2.54 -24.14 4.40
C PHE A 152 2.82 -25.63 4.26
N ASP A 153 2.75 -26.16 3.04
CA ASP A 153 3.02 -27.56 2.79
C ASP A 153 3.51 -27.71 1.37
N SER A 154 4.84 -27.73 1.18
CA SER A 154 5.40 -27.86 -0.17
C SER A 154 5.16 -29.20 -0.86
N SER A 155 4.63 -30.21 -0.13
CA SER A 155 4.52 -31.60 -0.64
C SER A 155 3.57 -31.78 -1.81
N ILE A 156 2.73 -30.78 -2.09
CA ILE A 156 1.86 -30.83 -3.28
C ILE A 156 2.64 -30.87 -4.62
N GLY A 157 3.82 -30.28 -4.64
CA GLY A 157 4.60 -30.29 -5.87
C GLY A 157 6.09 -30.37 -5.61
N PRO A 158 6.86 -30.34 -6.68
CA PRO A 158 8.30 -30.42 -6.55
C PRO A 158 8.95 -29.12 -6.04
N LEU A 159 10.20 -29.22 -5.60
CA LEU A 159 11.09 -28.10 -5.61
C LEU A 159 11.86 -28.13 -6.91
N LEU A 160 11.84 -27.02 -7.65
CA LEU A 160 12.64 -26.88 -8.85
C LEU A 160 13.64 -25.75 -8.59
N PHE A 161 14.89 -25.97 -8.99
CA PHE A 161 15.92 -24.99 -8.69
C PHE A 161 17.02 -25.03 -9.76
N ALA A 162 16.74 -24.38 -10.88
CA ALA A 162 17.76 -24.11 -11.88
C ALA A 162 18.22 -22.65 -11.77
N ASP A 163 19.36 -22.33 -12.37
CA ASP A 163 19.90 -20.98 -12.30
C ASP A 163 18.84 -19.90 -12.63
N GLN A 164 17.92 -20.18 -13.53
CA GLN A 164 16.93 -19.19 -13.99
C GLN A 164 15.53 -19.75 -14.00
N PHE A 165 15.28 -20.71 -13.11
CA PHE A 165 13.94 -21.22 -12.90
C PHE A 165 13.84 -21.86 -11.51
N LEU A 166 13.13 -21.18 -10.62
CA LEU A 166 12.97 -21.66 -9.25
C LEU A 166 11.49 -21.75 -8.99
N GLN A 167 11.05 -22.86 -8.41
CA GLN A 167 9.63 -23.02 -8.15
C GLN A 167 9.40 -23.81 -6.84
N LEU A 168 8.50 -23.30 -6.00
CA LEU A 168 8.03 -24.05 -4.88
C LEU A 168 6.54 -23.78 -4.76
N SER A 169 5.79 -24.81 -4.41
CA SER A 169 4.34 -24.69 -4.21
C SER A 169 4.01 -24.84 -2.75
N THR A 170 2.81 -24.43 -2.33
CA THR A 170 2.30 -24.75 -1.00
C THR A 170 0.80 -24.98 -1.11
N ARG A 171 0.32 -26.03 -0.48
CA ARG A 171 -1.10 -26.07 -0.12
C ARG A 171 -1.45 -24.91 0.80
N LEU A 172 -2.75 -24.60 0.83
CA LEU A 172 -3.33 -23.51 1.59
C LEU A 172 -4.50 -24.09 2.37
N PRO A 173 -4.70 -23.64 3.63
CA PRO A 173 -5.81 -24.14 4.48
C PRO A 173 -7.21 -23.64 4.15
N SER A 174 -7.30 -22.66 3.24
CA SER A 174 -8.56 -22.05 2.86
C SER A 174 -8.45 -21.33 1.52
N THR A 175 -9.59 -20.92 1.00
CA THR A 175 -9.61 -20.08 -0.18
C THR A 175 -9.73 -18.61 0.20
N ASN A 176 -9.57 -18.26 1.48
CA ASN A 176 -9.62 -16.88 1.91
C ASN A 176 -8.25 -16.25 1.79
N VAL A 177 -7.85 -15.94 0.58
CA VAL A 177 -6.48 -15.51 0.26
C VAL A 177 -6.54 -14.06 -0.26
N TYR A 178 -5.72 -13.18 0.31
CA TYR A 178 -5.74 -11.74 -0.02
C TYR A 178 -4.31 -11.29 -0.22
N GLY A 179 -4.05 -10.43 -1.21
CA GLY A 179 -2.66 -10.02 -1.42
C GLY A 179 -2.14 -10.19 -2.82
N LEU A 180 -0.82 -10.18 -2.93
CA LEU A 180 -0.08 -10.13 -4.20
C LEU A 180 -0.29 -8.83 -4.96
N GLY A 181 0.75 -8.38 -5.66
CA GLY A 181 0.65 -7.19 -6.47
C GLY A 181 1.92 -6.93 -7.24
N GLU A 182 1.95 -5.87 -8.04
CA GLU A 182 0.78 -4.96 -8.17
C GLU A 182 -0.09 -5.33 -9.35
N HIS A 183 -1.39 -5.48 -9.08
CA HIS A 183 -2.35 -5.82 -10.12
C HIS A 183 -3.70 -5.15 -9.86
N VAL A 184 -4.56 -5.14 -10.87
CA VAL A 184 -5.99 -4.93 -10.69
C VAL A 184 -6.66 -6.30 -10.62
N HIS A 185 -6.88 -6.78 -9.41
CA HIS A 185 -7.48 -8.10 -9.22
C HIS A 185 -9.01 -8.05 -9.40
N GLN A 186 -9.59 -6.86 -9.34
CA GLN A 186 -11.05 -6.61 -9.52
C GLN A 186 -11.89 -7.03 -8.31
N GLN A 187 -11.63 -8.22 -7.78
CA GLN A 187 -12.15 -8.60 -6.47
C GLN A 187 -11.02 -8.57 -5.42
N TYR A 188 -11.36 -8.62 -4.14
CA TYR A 188 -10.32 -8.60 -3.11
C TYR A 188 -9.94 -10.05 -2.68
N ARG A 189 -10.94 -10.90 -2.43
CA ARG A 189 -10.64 -12.29 -2.17
C ARG A 189 -10.23 -12.98 -3.46
N HIS A 190 -9.04 -13.58 -3.42
CA HIS A 190 -8.54 -14.23 -4.62
C HIS A 190 -9.37 -15.39 -5.06
N ASP A 191 -9.88 -15.24 -6.28
CA ASP A 191 -10.19 -16.31 -7.20
C ASP A 191 -9.05 -17.35 -7.22
N MET A 192 -9.21 -18.38 -6.35
CA MET A 192 -8.33 -19.54 -6.24
C MET A 192 -8.57 -20.53 -7.37
N ASN A 193 -9.41 -20.16 -8.31
CA ASN A 193 -9.53 -20.96 -9.47
C ASN A 193 -8.24 -20.71 -10.25
N TRP A 194 -7.99 -21.55 -11.24
CA TRP A 194 -6.70 -21.57 -11.94
C TRP A 194 -6.39 -20.18 -12.47
N LYS A 195 -5.41 -19.51 -11.85
CA LYS A 195 -5.03 -18.11 -12.19
C LYS A 195 -3.57 -17.88 -11.96
N THR A 196 -2.91 -17.33 -12.96
CA THR A 196 -1.51 -16.90 -12.83
C THR A 196 -1.44 -15.38 -12.80
N TRP A 197 -0.76 -14.85 -11.78
CA TRP A 197 -0.49 -13.43 -11.66
C TRP A 197 1.00 -13.21 -11.83
N PRO A 198 1.39 -12.51 -12.91
CA PRO A 198 2.78 -12.15 -13.12
C PRO A 198 3.18 -10.93 -12.30
N ILE A 199 4.43 -10.91 -11.85
CA ILE A 199 4.98 -9.86 -11.04
C ILE A 199 6.34 -9.40 -11.63
N PHE A 200 6.36 -8.19 -12.19
CA PHE A 200 7.59 -7.56 -12.69
C PHE A 200 7.24 -6.14 -12.94
N ASN A 201 7.96 -5.22 -12.29
CA ASN A 201 7.65 -3.80 -12.32
C ASN A 201 7.61 -3.28 -13.74
N ARG A 202 6.45 -2.80 -14.11
CA ARG A 202 6.21 -2.42 -15.51
C ARG A 202 5.28 -1.22 -15.60
N ASP A 203 5.65 -0.31 -16.49
CA ASP A 203 4.78 0.78 -16.94
C ASP A 203 3.69 0.22 -17.82
N THR A 204 2.49 0.05 -17.23
CA THR A 204 1.34 -0.51 -17.90
C THR A 204 0.06 -0.01 -17.27
N THR A 205 -1.04 -0.14 -17.99
CA THR A 205 -2.30 0.41 -17.56
C THR A 205 -3.02 -0.49 -16.56
N PRO A 206 -3.36 0.05 -15.40
CA PRO A 206 -4.28 -0.72 -14.55
C PRO A 206 -5.63 -0.84 -15.22
N ASN A 207 -5.89 -1.93 -15.92
CA ASN A 207 -7.18 -2.16 -16.55
C ASN A 207 -7.70 -3.55 -16.23
N GLY A 208 -8.74 -3.97 -16.93
CA GLY A 208 -9.31 -5.32 -16.80
C GLY A 208 -8.46 -6.49 -17.26
N ASN A 209 -7.26 -6.25 -17.81
CA ASN A 209 -6.42 -7.35 -18.32
C ASN A 209 -5.63 -8.19 -17.31
N GLY A 210 -5.51 -7.72 -16.08
CA GLY A 210 -4.80 -8.48 -15.05
C GLY A 210 -3.31 -8.67 -15.31
N THR A 211 -2.64 -7.64 -15.86
CA THR A 211 -1.20 -7.75 -16.13
C THR A 211 -0.39 -7.37 -14.89
N ASN A 212 0.93 -7.60 -14.97
CA ASN A 212 1.84 -7.04 -14.02
C ASN A 212 1.79 -5.51 -14.14
N LEU A 213 1.88 -4.80 -13.02
CA LEU A 213 1.86 -3.34 -13.02
C LEU A 213 3.16 -2.77 -12.45
N TYR A 214 3.08 -1.61 -11.82
CA TYR A 214 4.23 -0.82 -11.42
C TYR A 214 5.11 -1.34 -10.28
N GLY A 215 4.47 -2.07 -9.35
CA GLY A 215 5.14 -2.60 -8.17
C GLY A 215 5.21 -4.10 -8.07
N ALA A 216 5.98 -4.58 -7.11
CA ALA A 216 6.22 -6.00 -6.91
C ALA A 216 5.93 -6.29 -5.45
N GLN A 217 4.91 -7.10 -5.21
CA GLN A 217 4.44 -7.38 -3.83
C GLN A 217 4.10 -8.87 -3.75
N THR A 218 4.93 -9.64 -3.08
CA THR A 218 4.72 -11.09 -3.05
C THR A 218 3.91 -11.53 -1.81
N PHE A 219 3.68 -10.62 -0.89
CA PHE A 219 2.92 -10.94 0.33
C PHE A 219 1.47 -11.35 0.04
N PHE A 220 1.04 -12.43 0.68
CA PHE A 220 -0.36 -12.75 0.79
C PHE A 220 -0.67 -13.19 2.21
N LEU A 221 -1.92 -12.99 2.58
CA LEU A 221 -2.48 -13.31 3.90
C LEU A 221 -3.60 -14.32 3.63
N CYS A 222 -3.76 -15.29 4.53
CA CYS A 222 -4.82 -16.28 4.42
C CYS A 222 -5.62 -16.30 5.73
N LEU A 223 -6.91 -16.03 5.64
CA LEU A 223 -7.77 -16.24 6.81
C LEU A 223 -8.15 -17.73 6.85
N GLU A 224 -7.62 -18.45 7.83
CA GLU A 224 -7.79 -19.90 7.95
C GLU A 224 -9.24 -20.32 8.17
N ASP A 225 -9.94 -19.63 9.07
CA ASP A 225 -11.32 -19.98 9.48
C ASP A 225 -12.01 -18.82 10.24
N ALA A 226 -13.27 -19.02 10.66
CA ALA A 226 -14.04 -17.98 11.34
C ALA A 226 -13.48 -17.57 12.70
N SER A 227 -12.61 -18.37 13.29
CA SER A 227 -11.98 -17.95 14.53
C SER A 227 -11.09 -16.71 14.41
N GLY A 228 -10.68 -16.38 13.17
CA GLY A 228 -9.75 -15.28 12.95
C GLY A 228 -8.33 -15.73 12.70
N LEU A 229 -8.01 -16.96 13.10
CA LEU A 229 -6.66 -17.50 12.85
C LEU A 229 -6.32 -17.37 11.36
N SER A 230 -5.13 -16.87 11.14
CA SER A 230 -4.73 -16.34 9.83
C SER A 230 -3.22 -16.51 9.79
N PHE A 231 -2.63 -16.54 8.61
CA PHE A 231 -1.18 -16.56 8.52
C PHE A 231 -0.83 -15.87 7.22
N GLY A 232 0.46 -15.57 7.03
CA GLY A 232 0.86 -14.89 5.82
C GLY A 232 2.17 -15.47 5.30
N VAL A 233 2.46 -15.27 4.03
CA VAL A 233 3.72 -15.77 3.43
C VAL A 233 4.31 -14.62 2.67
N PHE A 234 5.63 -14.44 2.82
CA PHE A 234 6.38 -13.48 2.03
C PHE A 234 7.61 -14.14 1.34
N LEU A 235 7.69 -13.97 0.03
CA LEU A 235 8.86 -14.41 -0.74
C LEU A 235 9.75 -13.18 -0.97
N MET A 236 10.94 -13.20 -0.36
CA MET A 236 11.98 -12.20 -0.54
C MET A 236 12.82 -12.52 -1.80
N ASN A 237 12.33 -12.05 -2.93
CA ASN A 237 12.94 -12.32 -4.24
C ASN A 237 12.52 -11.14 -5.13
N SER A 238 13.49 -10.53 -5.81
CA SER A 238 13.23 -9.39 -6.68
C SER A 238 13.28 -9.70 -8.21
N ASN A 239 13.36 -10.97 -8.58
CA ASN A 239 13.37 -11.35 -9.98
C ASN A 239 11.95 -11.42 -10.53
N ALA A 240 11.83 -11.42 -11.86
CA ALA A 240 10.51 -11.65 -12.50
C ALA A 240 9.95 -12.97 -12.04
N MET A 241 8.65 -13.02 -11.86
CA MET A 241 8.06 -14.21 -11.31
C MET A 241 6.59 -14.21 -11.64
N GLU A 242 5.95 -15.33 -11.35
CA GLU A 242 4.51 -15.40 -11.36
C GLU A 242 3.99 -16.28 -10.25
N VAL A 243 2.75 -16.04 -9.86
CA VAL A 243 2.17 -16.75 -8.76
C VAL A 243 0.99 -17.46 -9.36
N VAL A 244 0.95 -18.76 -9.18
CA VAL A 244 -0.05 -19.56 -9.80
C VAL A 244 -0.99 -20.01 -8.69
N LEU A 245 -2.27 -19.78 -8.88
CA LEU A 245 -3.26 -20.07 -7.83
C LEU A 245 -4.12 -21.16 -8.39
N GLN A 246 -4.47 -22.15 -7.57
CA GLN A 246 -5.33 -23.23 -8.04
C GLN A 246 -6.29 -23.73 -6.92
N PRO A 247 -7.39 -24.40 -7.28
CA PRO A 247 -8.48 -24.67 -6.32
C PRO A 247 -8.20 -25.77 -5.32
N ALA A 248 -7.01 -26.38 -5.37
CA ALA A 248 -6.65 -27.41 -4.39
C ALA A 248 -7.16 -27.17 -2.95
N PRO A 249 -7.01 -25.91 -2.38
CA PRO A 249 -6.37 -24.70 -2.86
C PRO A 249 -4.84 -24.74 -2.68
N ALA A 250 -4.12 -24.08 -3.56
CA ALA A 250 -2.65 -24.11 -3.48
C ALA A 250 -2.08 -22.91 -4.17
N ILE A 251 -0.83 -22.55 -3.84
CA ILE A 251 -0.16 -21.44 -4.51
C ILE A 251 1.25 -21.88 -4.90
N THR A 252 1.66 -21.51 -6.10
CA THR A 252 2.99 -21.85 -6.63
C THR A 252 3.69 -20.56 -6.96
N TYR A 253 4.90 -20.40 -6.43
CA TYR A 253 5.77 -19.26 -6.74
C TYR A 253 6.76 -19.75 -7.81
N ARG A 254 6.90 -19.00 -8.90
CA ARG A 254 7.71 -19.44 -10.03
C ARG A 254 8.59 -18.25 -10.41
N THR A 255 9.87 -18.29 -10.05
CA THR A 255 10.75 -17.15 -10.26
C THR A 255 11.97 -17.50 -11.17
N ILE A 256 12.60 -16.51 -11.81
CA ILE A 256 13.64 -16.79 -12.80
C ILE A 256 15.02 -16.34 -12.32
N GLY A 257 15.16 -16.13 -11.02
CA GLY A 257 16.49 -15.97 -10.45
C GLY A 257 16.49 -15.92 -8.97
N GLY A 258 17.65 -15.56 -8.45
CA GLY A 258 17.87 -15.31 -7.06
C GLY A 258 17.72 -16.57 -6.27
N ILE A 259 17.06 -16.46 -5.10
CA ILE A 259 16.87 -17.62 -4.26
C ILE A 259 15.44 -17.62 -3.72
N LEU A 260 15.07 -18.76 -3.18
CA LEU A 260 13.78 -18.94 -2.54
C LEU A 260 14.02 -18.64 -1.09
N ASP A 261 13.65 -17.42 -0.70
CA ASP A 261 13.88 -16.89 0.63
C ASP A 261 12.49 -16.55 1.17
N PHE A 262 11.96 -17.44 2.02
CA PHE A 262 10.55 -17.42 2.44
C PHE A 262 10.38 -17.05 3.91
N TYR A 263 9.31 -16.32 4.22
CA TYR A 263 8.91 -15.98 5.60
C TYR A 263 7.45 -16.44 5.78
N VAL A 264 7.13 -17.05 6.93
CA VAL A 264 5.78 -17.50 7.24
C VAL A 264 5.41 -16.85 8.58
N PHE A 265 4.29 -16.12 8.59
CA PHE A 265 3.89 -15.30 9.73
C PHE A 265 2.60 -15.94 10.25
N LEU A 266 2.49 -16.11 11.56
CA LEU A 266 1.23 -16.56 12.14
C LEU A 266 0.67 -15.47 13.01
N GLY A 267 -0.65 -15.35 13.01
CA GLY A 267 -1.32 -14.37 13.84
C GLY A 267 -2.64 -14.93 14.33
N ASN A 268 -3.24 -14.33 15.34
CA ASN A 268 -4.57 -14.80 15.81
C ASN A 268 -5.72 -14.13 15.09
N THR A 269 -5.39 -13.07 14.36
CA THR A 269 -6.32 -12.28 13.57
C THR A 269 -5.60 -11.87 12.27
N PRO A 270 -6.37 -11.51 11.22
CA PRO A 270 -5.77 -10.97 10.02
C PRO A 270 -4.88 -9.78 10.27
N GLU A 271 -5.33 -8.86 11.14
CA GLU A 271 -4.52 -7.70 11.54
C GLU A 271 -3.13 -8.05 12.12
N GLN A 272 -3.11 -9.08 12.99
CA GLN A 272 -1.83 -9.54 13.56
C GLN A 272 -0.86 -10.11 12.53
N VAL A 273 -1.38 -10.76 11.49
CA VAL A 273 -0.56 -11.18 10.35
C VAL A 273 0.05 -10.01 9.65
N VAL A 274 -0.74 -8.97 9.38
CA VAL A 274 -0.20 -7.75 8.79
C VAL A 274 0.86 -7.13 9.70
N GLN A 275 0.57 -7.05 11.01
CA GLN A 275 1.56 -6.57 12.02
C GLN A 275 2.89 -7.38 12.01
N GLU A 276 2.80 -8.72 11.95
CA GLU A 276 3.97 -9.61 11.84
C GLU A 276 4.77 -9.37 10.54
N TYR A 277 4.07 -9.25 9.41
CA TYR A 277 4.71 -8.90 8.15
C TYR A 277 5.44 -7.58 8.21
N LEU A 278 4.76 -6.53 8.67
CA LEU A 278 5.35 -5.19 8.72
C LEU A 278 6.44 -5.06 9.77
N GLU A 279 6.38 -5.88 10.81
CA GLU A 279 7.51 -6.01 11.74
C GLU A 279 8.79 -6.44 11.01
N LEU A 280 8.65 -7.38 10.11
CA LEU A 280 9.79 -7.82 9.30
C LEU A 280 10.22 -6.77 8.25
N ILE A 281 9.34 -6.41 7.32
CA ILE A 281 9.78 -5.58 6.20
C ILE A 281 9.89 -4.08 6.49
N GLY A 282 9.25 -3.60 7.55
CA GLY A 282 9.25 -2.15 7.82
C GLY A 282 7.84 -1.56 7.85
N ARG A 283 7.52 -0.92 8.96
CA ARG A 283 6.23 -0.27 9.13
C ARG A 283 6.24 1.04 8.37
N PRO A 284 5.08 1.46 7.87
CA PRO A 284 4.95 2.70 7.10
C PRO A 284 5.35 3.92 7.88
N ALA A 285 5.92 4.91 7.17
CA ALA A 285 6.24 6.22 7.74
C ALA A 285 4.96 6.84 8.27
N LEU A 286 5.06 7.58 9.37
CA LEU A 286 3.91 8.39 9.80
C LEU A 286 3.90 9.57 8.82
N PRO A 287 2.76 9.81 8.15
CA PRO A 287 2.85 10.91 7.19
C PRO A 287 2.77 12.29 7.86
N SER A 288 3.11 13.32 7.10
CA SER A 288 2.86 14.67 7.52
C SER A 288 1.32 14.77 7.66
N TYR A 289 0.86 15.54 8.64
CA TYR A 289 -0.59 15.60 8.83
C TYR A 289 -1.26 16.26 7.60
N TRP A 290 -0.58 17.20 6.94
CA TRP A 290 -1.15 17.83 5.71
C TRP A 290 -1.35 16.89 4.52
N ALA A 291 -0.54 15.84 4.42
CA ALA A 291 -0.69 14.81 3.36
C ALA A 291 -2.04 14.05 3.46
N LEU A 292 -2.67 14.14 4.61
CA LEU A 292 -3.96 13.48 4.86
C LEU A 292 -5.06 14.28 4.24
N GLY A 293 -4.74 15.53 3.90
CA GLY A 293 -5.66 16.41 3.19
C GLY A 293 -5.95 16.02 1.77
N PHE A 294 -6.78 16.83 1.14
CA PHE A 294 -7.20 16.57 -0.21
C PHE A 294 -6.15 17.16 -1.13
N HIS A 295 -5.75 16.39 -2.15
CA HIS A 295 -4.69 16.82 -3.08
C HIS A 295 -5.35 17.10 -4.46
N LEU A 296 -4.93 18.12 -5.18
CA LEU A 296 -5.48 18.44 -6.49
C LEU A 296 -4.35 18.44 -7.51
N SER A 297 -4.62 17.94 -8.70
CA SER A 297 -3.57 17.77 -9.70
C SER A 297 -4.18 17.67 -11.08
N ARG A 298 -3.34 17.89 -12.09
CA ARG A 298 -3.64 17.41 -13.45
C ARG A 298 -2.38 17.42 -14.30
N TYR A 299 -2.40 16.58 -15.31
CA TYR A 299 -1.37 16.53 -16.32
C TYR A 299 -1.69 17.67 -17.31
N GLU A 300 -0.78 18.63 -17.42
CA GLU A 300 -0.92 19.72 -18.38
C GLU A 300 -2.00 20.75 -18.04
N TYR A 301 -1.76 21.54 -17.00
CA TYR A 301 -2.40 22.83 -16.88
C TYR A 301 -1.90 23.67 -18.03
N GLY A 302 -0.62 23.48 -18.37
CA GLY A 302 -0.05 24.04 -19.59
C GLY A 302 0.69 25.32 -19.27
N THR A 303 0.04 26.15 -18.47
CA THR A 303 0.61 27.39 -17.98
C THR A 303 0.29 27.55 -16.48
N LEU A 304 1.15 28.32 -15.80
CA LEU A 304 0.92 28.70 -14.42
C LEU A 304 -0.39 29.42 -14.21
N ASP A 305 -0.74 30.32 -15.14
CA ASP A 305 -2.03 31.03 -15.13
C ASP A 305 -3.22 30.07 -15.12
N ASN A 306 -3.08 28.97 -15.86
CA ASN A 306 -4.12 27.92 -15.92
C ASN A 306 -4.23 27.18 -14.58
N MET A 307 -3.07 26.84 -14.00
CA MET A 307 -2.99 26.22 -12.66
C MET A 307 -3.58 27.15 -11.61
N ARG A 308 -3.12 28.41 -11.60
CA ARG A 308 -3.61 29.44 -10.68
C ARG A 308 -5.13 29.58 -10.75
N GLU A 309 -5.67 29.56 -11.97
CA GLU A 309 -7.10 29.65 -12.18
C GLU A 309 -7.88 28.47 -11.56
N VAL A 310 -7.34 27.27 -11.69
CA VAL A 310 -7.93 26.08 -11.07
C VAL A 310 -7.86 26.17 -9.53
N VAL A 311 -6.68 26.53 -9.01
CA VAL A 311 -6.44 26.69 -7.57
C VAL A 311 -7.48 27.65 -6.98
N GLU A 312 -7.66 28.79 -7.63
CA GLU A 312 -8.48 29.85 -7.07
C GLU A 312 -9.98 29.59 -7.16
N ARG A 313 -10.46 28.92 -8.20
CA ARG A 313 -11.89 28.51 -8.22
C ARG A 313 -12.20 27.46 -7.14
N ASN A 314 -11.26 26.57 -6.84
CA ASN A 314 -11.49 25.59 -5.77
C ASN A 314 -11.40 26.18 -4.38
N ARG A 315 -10.43 27.06 -4.18
CA ARG A 315 -10.33 27.90 -2.99
C ARG A 315 -11.53 28.82 -2.82
N ALA A 316 -12.02 29.40 -3.92
CA ALA A 316 -13.21 30.23 -3.88
C ALA A 316 -14.45 29.43 -3.47
N ALA A 317 -14.44 28.13 -3.79
CA ALA A 317 -15.55 27.25 -3.43
C ALA A 317 -15.54 26.72 -1.99
N GLN A 318 -14.52 27.10 -1.22
CA GLN A 318 -14.31 26.68 0.16
C GLN A 318 -14.10 25.17 0.25
N LEU A 319 -13.34 24.65 -0.71
CA LEU A 319 -13.04 23.22 -0.79
C LEU A 319 -11.92 22.91 0.16
N PRO A 320 -12.09 21.88 1.02
CA PRO A 320 -10.97 21.46 1.80
C PRO A 320 -9.95 20.96 0.79
N TYR A 321 -8.72 21.44 0.91
CA TYR A 321 -7.80 21.38 -0.22
C TYR A 321 -6.46 21.78 0.35
N ASP A 322 -5.60 20.82 0.64
CA ASP A 322 -4.33 21.08 1.27
C ASP A 322 -3.17 21.14 0.30
N VAL A 323 -3.23 20.35 -0.77
CA VAL A 323 -2.03 20.11 -1.60
C VAL A 323 -2.34 20.35 -3.08
N GLN A 324 -1.43 21.04 -3.75
CA GLN A 324 -1.48 21.23 -5.21
C GLN A 324 -0.30 20.47 -5.80
N HIS A 325 -0.55 19.62 -6.79
CA HIS A 325 0.55 18.89 -7.45
C HIS A 325 0.89 19.59 -8.75
N ALA A 326 2.17 19.65 -9.06
CA ALA A 326 2.64 20.26 -10.32
C ALA A 326 3.22 19.11 -11.14
N ASP A 327 2.58 18.77 -12.25
CA ASP A 327 2.99 17.68 -13.13
C ASP A 327 4.14 18.15 -14.07
N ILE A 328 4.52 17.35 -15.06
CA ILE A 328 5.70 17.71 -15.90
C ILE A 328 5.57 19.02 -16.72
N ASP A 329 4.35 19.55 -16.90
CA ASP A 329 4.24 20.87 -17.54
C ASP A 329 4.94 22.04 -16.86
N TYR A 330 5.30 21.95 -15.56
CA TYR A 330 6.08 23.01 -14.86
C TYR A 330 7.53 23.12 -15.35
N MET A 331 8.05 22.02 -15.86
CA MET A 331 9.45 21.94 -16.23
C MET A 331 9.75 22.66 -17.54
N ASP A 332 11.02 22.94 -17.75
CA ASP A 332 11.46 23.50 -19.03
C ASP A 332 11.68 22.31 -19.95
N GLU A 333 10.74 22.09 -20.86
CA GLU A 333 10.86 20.98 -21.84
C GLU A 333 10.98 19.60 -21.14
N ARG A 334 10.19 19.45 -20.08
CA ARG A 334 10.03 18.18 -19.41
C ARG A 334 11.31 17.64 -18.79
N ARG A 335 12.18 18.55 -18.37
CA ARG A 335 13.47 18.19 -17.78
C ARG A 335 13.47 18.50 -16.30
N ASP A 336 13.93 17.53 -15.48
CA ASP A 336 14.03 17.70 -14.02
C ASP A 336 14.79 18.96 -13.66
N PHE A 337 14.39 19.55 -12.53
CA PHE A 337 15.15 20.60 -11.81
C PHE A 337 15.28 21.93 -12.57
N THR A 338 14.29 22.17 -13.42
CA THR A 338 14.05 23.41 -14.11
C THR A 338 12.57 23.73 -14.00
N TYR A 339 12.20 24.99 -14.26
CA TYR A 339 10.81 25.29 -14.60
C TYR A 339 10.72 26.15 -15.88
N ASP A 340 9.56 26.14 -16.54
CA ASP A 340 9.38 26.88 -17.78
C ASP A 340 9.29 28.38 -17.49
N SER A 341 10.34 29.11 -17.86
CA SER A 341 10.52 30.53 -17.53
C SER A 341 9.51 31.44 -18.23
N VAL A 342 8.77 30.92 -19.20
CA VAL A 342 7.70 31.64 -19.90
C VAL A 342 6.29 31.15 -19.46
N ASP A 343 5.99 29.88 -19.69
CA ASP A 343 4.69 29.34 -19.30
C ASP A 343 4.47 29.28 -17.78
N PHE A 344 5.55 29.17 -17.03
CA PHE A 344 5.52 29.12 -15.57
C PHE A 344 6.36 30.21 -14.94
N LYS A 345 6.40 31.37 -15.61
CA LYS A 345 7.09 32.55 -15.07
C LYS A 345 6.34 33.01 -13.83
N GLY A 346 7.08 33.23 -12.75
CA GLY A 346 6.41 33.58 -11.49
C GLY A 346 6.05 32.37 -10.65
N PHE A 347 6.58 31.20 -11.03
CA PHE A 347 6.41 29.97 -10.19
C PHE A 347 6.77 30.19 -8.71
N PRO A 348 7.94 30.83 -8.41
CA PRO A 348 8.24 31.05 -6.99
C PRO A 348 7.19 31.90 -6.25
N GLU A 349 6.62 32.92 -6.91
CA GLU A 349 5.60 33.80 -6.31
C GLU A 349 4.30 33.00 -6.03
N PHE A 350 3.94 32.11 -6.95
CA PHE A 350 2.79 31.18 -6.79
C PHE A 350 3.02 30.22 -5.62
N VAL A 351 4.26 29.77 -5.44
CA VAL A 351 4.62 28.96 -4.28
C VAL A 351 4.35 29.70 -2.94
N ASN A 352 4.74 30.99 -2.86
CA ASN A 352 4.43 31.85 -1.72
C ASN A 352 2.92 32.02 -1.51
N GLU A 353 2.16 32.13 -2.61
CA GLU A 353 0.69 32.23 -2.55
C GLU A 353 0.07 30.98 -1.93
N LEU A 354 0.47 29.80 -2.41
CA LEU A 354 0.06 28.52 -1.82
C LEU A 354 0.35 28.49 -0.32
N HIS A 355 1.59 28.82 0.04
CA HIS A 355 2.03 28.78 1.42
C HIS A 355 1.26 29.73 2.34
N ASN A 356 0.98 30.93 1.84
CA ASN A 356 0.19 31.92 2.55
C ASN A 356 -1.28 31.50 2.71
N ASN A 357 -1.77 30.66 1.78
CA ASN A 357 -3.15 30.08 1.81
C ASN A 357 -3.25 28.89 2.76
N GLY A 358 -2.12 28.52 3.37
CA GLY A 358 -2.02 27.31 4.19
C GLY A 358 -1.83 25.99 3.42
N GLN A 359 -1.40 26.09 2.16
CA GLN A 359 -1.32 24.95 1.26
C GLN A 359 0.09 24.52 0.94
N LYS A 360 0.21 23.34 0.32
CA LYS A 360 1.50 22.73 0.04
C LYS A 360 1.67 22.46 -1.46
N LEU A 361 2.90 22.45 -1.94
CA LEU A 361 3.16 22.15 -3.35
C LEU A 361 3.88 20.82 -3.39
N VAL A 362 3.38 19.89 -4.19
CA VAL A 362 4.11 18.67 -4.46
C VAL A 362 4.54 18.73 -5.93
N ILE A 363 5.83 18.56 -6.20
CA ILE A 363 6.30 18.53 -7.59
C ILE A 363 6.62 17.11 -8.01
N ILE A 364 6.32 16.80 -9.26
CA ILE A 364 6.71 15.56 -9.86
C ILE A 364 8.21 15.68 -10.22
N VAL A 365 8.94 14.60 -10.03
CA VAL A 365 10.32 14.47 -10.49
C VAL A 365 10.41 13.07 -11.11
N ASP A 366 11.20 12.98 -12.18
CA ASP A 366 11.37 11.75 -12.94
C ASP A 366 12.79 11.29 -12.67
N PRO A 367 13.04 9.98 -12.71
CA PRO A 367 14.41 9.50 -12.56
C PRO A 367 15.31 9.87 -13.74
N ALA A 368 14.77 9.78 -14.96
CA ALA A 368 15.61 9.85 -16.15
C ALA A 368 15.99 11.29 -16.42
N ILE A 369 17.28 11.46 -16.66
CA ILE A 369 17.91 12.77 -16.79
C ILE A 369 18.35 12.96 -18.24
N SER A 370 17.93 14.06 -18.86
CA SER A 370 18.35 14.44 -20.20
C SER A 370 19.86 14.42 -20.34
N ASN A 371 20.38 13.71 -21.33
CA ASN A 371 21.82 13.83 -21.64
C ASN A 371 22.14 14.95 -22.63
N ASN A 372 21.20 15.87 -22.84
CA ASN A 372 21.44 16.99 -23.77
C ASN A 372 22.05 18.17 -23.02
N SER A 373 23.38 18.24 -23.02
CA SER A 373 24.14 19.31 -22.37
C SER A 373 25.38 19.61 -23.21
N SER A 374 25.68 20.89 -23.36
CA SER A 374 26.89 21.32 -24.07
C SER A 374 27.51 22.53 -23.37
N SER A 375 28.69 22.96 -23.83
CA SER A 375 29.29 24.19 -23.30
C SER A 375 28.36 25.39 -23.44
N SER A 376 27.68 25.47 -24.59
CA SER A 376 26.82 26.60 -24.92
C SER A 376 25.47 26.59 -24.20
N LYS A 377 25.09 25.43 -23.66
CA LYS A 377 23.78 25.25 -23.03
C LYS A 377 23.83 24.10 -21.97
N PRO A 378 24.56 24.33 -20.86
CA PRO A 378 24.76 23.27 -19.87
C PRO A 378 23.43 22.83 -19.24
N TYR A 379 23.32 21.54 -18.95
CA TYR A 379 22.21 21.06 -18.13
C TYR A 379 22.84 20.48 -16.90
N GLY A 380 22.83 21.28 -15.84
CA GLY A 380 23.46 20.94 -14.55
C GLY A 380 23.23 19.56 -13.97
N PRO A 381 21.94 19.11 -13.81
CA PRO A 381 21.71 17.77 -13.26
C PRO A 381 22.53 16.67 -13.97
N TYR A 382 22.64 16.76 -15.29
CA TYR A 382 23.37 15.77 -16.10
C TYR A 382 24.88 15.93 -15.91
N ASP A 383 25.36 17.17 -15.91
CA ASP A 383 26.80 17.43 -15.76
C ASP A 383 27.26 16.96 -14.39
N ARG A 384 26.53 17.35 -13.36
CA ARG A 384 26.83 16.98 -12.01
C ARG A 384 26.77 15.48 -11.86
N GLY A 385 25.82 14.81 -12.53
CA GLY A 385 25.67 13.35 -12.42
C GLY A 385 26.76 12.54 -13.12
N SER A 386 27.16 13.02 -14.28
CA SER A 386 28.29 12.44 -15.04
C SER A 386 29.58 12.59 -14.27
N ASP A 387 29.89 13.78 -13.78
CA ASP A 387 31.05 14.03 -12.92
C ASP A 387 31.13 12.99 -11.79
N MET A 388 29.99 12.74 -11.13
CA MET A 388 29.94 11.78 -10.03
C MET A 388 29.88 10.31 -10.46
N LYS A 389 29.59 10.07 -11.73
CA LYS A 389 29.55 8.70 -12.30
C LYS A 389 28.44 7.79 -11.67
N ILE A 390 27.26 8.36 -11.52
CA ILE A 390 26.19 7.68 -10.79
C ILE A 390 25.07 7.17 -11.70
N TRP A 391 25.33 7.03 -13.01
CA TRP A 391 24.34 6.47 -13.94
C TRP A 391 24.35 4.93 -13.98
N VAL A 392 23.21 4.35 -14.39
CA VAL A 392 23.11 2.92 -14.72
C VAL A 392 23.94 2.70 -15.98
N ASN A 393 24.81 1.71 -15.94
CA ASN A 393 25.69 1.43 -17.07
C ASN A 393 25.11 0.31 -17.93
N SER A 394 25.46 0.33 -19.22
CA SER A 394 25.26 -0.80 -20.10
C SER A 394 26.11 -1.96 -19.59
N SER A 395 25.92 -3.14 -20.18
CA SER A 395 26.58 -4.36 -19.70
C SER A 395 28.11 -4.36 -19.74
N ASP A 396 28.73 -3.44 -20.48
CA ASP A 396 30.21 -3.32 -20.48
C ASP A 396 30.73 -2.83 -19.13
N GLY A 397 29.79 -2.36 -18.30
CA GLY A 397 30.07 -1.90 -16.96
C GLY A 397 30.70 -0.52 -16.84
N VAL A 398 30.84 0.21 -17.95
CA VAL A 398 31.52 1.52 -17.90
C VAL A 398 30.81 2.66 -18.66
N THR A 399 29.96 2.29 -19.60
CA THR A 399 29.28 3.26 -20.44
C THR A 399 27.82 3.45 -19.97
N PRO A 400 27.44 4.67 -19.58
CA PRO A 400 26.06 4.94 -19.14
C PRO A 400 25.02 4.46 -20.18
N LEU A 401 23.97 3.79 -19.72
CA LEU A 401 22.96 3.30 -20.63
C LEU A 401 22.06 4.47 -21.08
N ILE A 402 21.75 4.51 -22.37
CA ILE A 402 21.02 5.62 -22.94
C ILE A 402 19.64 5.12 -23.32
N GLY A 403 18.60 5.78 -22.80
CA GLY A 403 17.24 5.43 -23.15
C GLY A 403 16.52 6.67 -23.63
N GLU A 404 15.21 6.65 -23.55
CA GLU A 404 14.43 7.79 -23.97
C GLU A 404 13.23 7.94 -23.05
N VAL A 405 13.09 9.10 -22.43
CA VAL A 405 11.82 9.40 -21.69
C VAL A 405 11.34 10.78 -22.14
N TRP A 406 10.69 11.54 -21.25
CA TRP A 406 10.04 12.82 -21.59
C TRP A 406 10.93 13.83 -22.37
N PRO A 407 12.17 14.04 -21.91
CA PRO A 407 12.91 15.10 -22.57
C PRO A 407 13.67 14.66 -23.83
N GLY A 408 13.46 13.42 -24.27
CA GLY A 408 14.26 12.83 -25.34
C GLY A 408 15.22 11.81 -24.74
N GLN A 409 16.42 11.68 -25.31
CA GLN A 409 17.44 10.76 -24.81
C GLN A 409 17.84 11.07 -23.39
N THR A 410 18.12 10.04 -22.62
CA THR A 410 18.35 10.22 -21.19
C THR A 410 19.24 9.16 -20.66
N VAL A 411 19.92 9.48 -19.58
CA VAL A 411 20.59 8.52 -18.72
C VAL A 411 19.71 8.27 -17.45
N PHE A 412 20.01 7.23 -16.69
CA PHE A 412 19.15 6.80 -15.58
C PHE A 412 20.01 6.76 -14.31
N PRO A 413 19.59 7.45 -13.23
CA PRO A 413 20.39 7.37 -12.00
C PRO A 413 20.40 5.98 -11.45
N ASP A 414 21.56 5.57 -10.92
CA ASP A 414 21.65 4.33 -10.17
C ASP A 414 21.47 4.62 -8.68
N TYR A 415 20.24 4.47 -8.21
CA TYR A 415 19.93 4.88 -6.84
C TYR A 415 20.43 3.88 -5.82
N THR A 416 20.94 2.74 -6.29
CA THR A 416 21.55 1.76 -5.40
C THR A 416 22.94 2.16 -4.95
N ASN A 417 23.61 3.02 -5.73
CA ASN A 417 24.85 3.65 -5.33
C ASN A 417 24.62 4.73 -4.26
N PRO A 418 25.23 4.60 -3.06
CA PRO A 418 25.13 5.65 -2.02
C PRO A 418 25.43 7.06 -2.53
N ASN A 419 26.42 7.18 -3.42
CA ASN A 419 26.81 8.44 -4.02
C ASN A 419 25.71 9.07 -4.86
N CYS A 420 24.84 8.24 -5.42
CA CYS A 420 23.76 8.75 -6.25
C CYS A 420 22.81 9.58 -5.39
N ALA A 421 22.55 9.10 -4.16
CA ALA A 421 21.72 9.87 -3.22
C ALA A 421 22.35 11.22 -2.85
N VAL A 422 23.66 11.29 -2.71
CA VAL A 422 24.37 12.57 -2.54
C VAL A 422 24.06 13.50 -3.72
N TRP A 423 24.24 12.98 -4.93
CA TRP A 423 23.95 13.74 -6.16
C TRP A 423 22.50 14.20 -6.20
N TRP A 424 21.59 13.28 -5.91
CA TRP A 424 20.15 13.52 -5.96
C TRP A 424 19.82 14.59 -4.93
N THR A 425 20.42 14.50 -3.75
CA THR A 425 20.14 15.45 -2.67
C THR A 425 20.49 16.88 -3.09
N LYS A 426 21.69 17.05 -3.64
CA LYS A 426 22.16 18.35 -4.12
C LYS A 426 21.30 18.91 -5.24
N GLU A 427 20.77 18.04 -6.09
CA GLU A 427 19.89 18.51 -7.16
C GLU A 427 18.61 19.08 -6.55
N PHE A 428 18.08 18.41 -5.52
CA PHE A 428 16.88 18.92 -4.82
C PHE A 428 17.14 20.19 -4.03
N GLU A 429 18.29 20.25 -3.37
CA GLU A 429 18.81 21.42 -2.67
C GLU A 429 18.82 22.61 -3.62
N LEU A 430 19.55 22.50 -4.73
CA LEU A 430 19.58 23.55 -5.72
C LEU A 430 18.21 23.95 -6.27
N PHE A 431 17.37 22.98 -6.60
CA PHE A 431 16.03 23.31 -7.08
C PHE A 431 15.13 23.95 -6.00
N HIS A 432 15.27 23.48 -4.77
CA HIS A 432 14.45 24.01 -3.66
C HIS A 432 14.73 25.49 -3.40
N ASN A 433 15.96 25.91 -3.68
CA ASN A 433 16.35 27.33 -3.58
C ASN A 433 15.59 28.23 -4.54
N GLN A 434 15.06 27.63 -5.61
CA GLN A 434 14.28 28.34 -6.62
C GLN A 434 12.77 28.25 -6.40
N VAL A 435 12.27 27.02 -6.22
CA VAL A 435 10.85 26.72 -6.02
C VAL A 435 10.79 25.99 -4.68
N GLU A 436 10.20 26.60 -3.66
CA GLU A 436 10.12 25.99 -2.32
C GLU A 436 8.95 25.00 -2.17
N PHE A 437 9.06 23.89 -2.88
CA PHE A 437 8.08 22.78 -2.85
C PHE A 437 8.13 22.07 -1.51
N ASP A 438 7.07 21.33 -1.20
CA ASP A 438 6.90 20.75 0.13
C ASP A 438 7.06 19.24 0.11
N GLY A 439 6.79 18.66 -1.05
CA GLY A 439 6.91 17.24 -1.23
C GLY A 439 7.25 16.86 -2.65
N ILE A 440 7.48 15.57 -2.85
CA ILE A 440 7.99 15.04 -4.09
C ILE A 440 7.16 13.86 -4.55
N TRP A 441 6.80 13.89 -5.83
CA TRP A 441 6.07 12.83 -6.48
C TRP A 441 7.06 12.19 -7.48
N ILE A 442 7.55 10.98 -7.13
CA ILE A 442 8.48 10.24 -7.96
C ILE A 442 7.73 9.26 -8.88
N ASP A 443 7.94 9.48 -10.19
CA ASP A 443 7.15 8.85 -11.23
C ASP A 443 8.07 8.05 -12.17
N MET A 444 7.45 7.15 -12.93
CA MET A 444 8.13 6.46 -14.04
C MET A 444 9.34 5.70 -13.57
N ASN A 445 9.30 5.23 -12.32
CA ASN A 445 10.47 4.68 -11.64
C ASN A 445 10.54 3.15 -11.54
N GLU A 446 9.96 2.48 -12.53
CA GLU A 446 10.03 1.01 -12.65
C GLU A 446 11.39 0.35 -12.94
N VAL A 447 12.33 0.95 -13.68
CA VAL A 447 12.28 2.26 -14.31
C VAL A 447 11.71 2.15 -15.71
N SER A 448 11.02 3.20 -16.14
CA SER A 448 10.26 3.18 -17.38
C SER A 448 11.09 3.81 -18.50
N ASN A 449 10.97 3.25 -19.71
CA ASN A 449 11.79 3.68 -20.86
C ASN A 449 10.89 3.72 -22.10
N PHE A 450 10.86 4.82 -22.83
CA PHE A 450 10.05 4.88 -24.05
C PHE A 450 10.61 4.02 -25.21
N VAL A 451 11.83 3.53 -25.05
CA VAL A 451 12.39 2.54 -25.96
C VAL A 451 12.58 1.24 -25.18
N ASP A 452 12.64 0.13 -25.89
CA ASP A 452 12.81 -1.17 -25.26
C ASP A 452 14.30 -1.45 -25.02
N GLY A 453 14.72 -1.40 -23.75
CA GLY A 453 16.10 -1.71 -23.39
C GLY A 453 16.96 -0.47 -23.38
N SER A 454 17.32 -0.01 -24.57
CA SER A 454 18.14 1.16 -24.74
C SER A 454 17.90 1.68 -26.16
N VAL A 455 18.49 2.82 -26.49
CA VAL A 455 18.38 3.35 -27.86
C VAL A 455 18.94 2.41 -28.93
N SER A 456 19.79 1.49 -28.53
CA SER A 456 20.22 0.45 -29.46
C SER A 456 19.77 -0.97 -29.09
N GLY A 457 18.61 -1.07 -28.41
CA GLY A 457 18.06 -2.37 -28.00
C GLY A 457 18.94 -3.08 -26.98
N CYS A 458 18.83 -4.41 -26.94
CA CYS A 458 19.58 -5.24 -26.02
C CYS A 458 20.17 -6.41 -26.77
N SER A 459 21.33 -6.86 -26.35
CA SER A 459 21.89 -8.08 -26.90
C SER A 459 21.03 -9.27 -26.55
N THR A 460 20.97 -10.21 -27.50
CA THR A 460 20.42 -11.53 -27.28
C THR A 460 21.40 -12.28 -26.38
N ASN A 461 20.92 -12.61 -25.19
CA ASN A 461 21.66 -13.38 -24.19
C ASN A 461 20.64 -13.90 -23.16
N ASN A 462 21.12 -14.70 -22.20
CA ASN A 462 20.23 -15.36 -21.23
C ASN A 462 19.52 -14.42 -20.22
N LEU A 463 20.02 -13.19 -20.09
CA LEU A 463 19.42 -12.19 -19.20
C LEU A 463 18.27 -11.52 -19.92
N ASN A 464 18.54 -11.07 -21.14
CA ASN A 464 17.54 -10.39 -21.97
C ASN A 464 16.55 -11.36 -22.55
N ASN A 465 17.01 -12.58 -22.75
CA ASN A 465 16.19 -13.63 -23.34
C ASN A 465 16.33 -14.93 -22.55
N PRO A 466 15.65 -15.03 -21.38
CA PRO A 466 15.87 -16.17 -20.48
C PRO A 466 15.19 -17.46 -20.94
N PRO A 467 15.58 -18.62 -20.36
CA PRO A 467 14.96 -19.87 -20.82
C PRO A 467 13.43 -19.89 -20.55
N PHE A 468 13.01 -19.26 -19.45
CA PHE A 468 11.57 -19.11 -19.14
C PHE A 468 11.24 -17.65 -18.85
N THR A 469 10.13 -17.18 -19.42
CA THR A 469 9.63 -15.84 -19.18
C THR A 469 8.23 -16.03 -18.56
N PRO A 470 7.99 -15.44 -17.35
CA PRO A 470 6.61 -15.47 -16.81
C PRO A 470 5.73 -14.70 -17.76
N ARG A 471 4.41 -14.77 -17.59
CA ARG A 471 3.51 -14.18 -18.56
C ARG A 471 3.36 -12.68 -18.33
N ILE A 472 4.49 -12.00 -18.22
CA ILE A 472 4.52 -10.55 -18.13
C ILE A 472 3.99 -9.92 -19.42
N LEU A 473 3.37 -8.74 -19.30
CA LEU A 473 2.88 -7.97 -20.43
C LEU A 473 3.95 -7.89 -21.51
N ASP A 474 3.57 -8.22 -22.74
CA ASP A 474 4.43 -8.22 -23.93
C ASP A 474 5.38 -9.41 -24.05
N GLY A 475 5.71 -10.05 -22.94
CA GLY A 475 6.51 -11.29 -22.93
C GLY A 475 8.02 -11.13 -23.08
N TYR A 476 8.53 -9.92 -22.95
CA TYR A 476 9.99 -9.70 -22.90
C TYR A 476 10.27 -8.84 -21.70
N LEU A 477 11.29 -9.21 -20.93
CA LEU A 477 11.69 -8.49 -19.73
C LEU A 477 12.01 -7.02 -19.96
N PHE A 478 12.67 -6.73 -21.09
CA PHE A 478 13.19 -5.40 -21.32
C PHE A 478 12.17 -4.42 -21.88
N CYS A 479 10.98 -4.90 -22.21
CA CYS A 479 9.94 -4.02 -22.75
C CYS A 479 9.70 -2.84 -21.86
N LYS A 480 9.79 -1.66 -22.47
CA LYS A 480 9.61 -0.37 -21.82
C LYS A 480 10.46 -0.18 -20.56
N THR A 481 11.63 -0.79 -20.51
CA THR A 481 12.52 -0.57 -19.37
C THR A 481 13.97 -0.73 -19.83
N LEU A 482 14.91 -1.01 -18.91
CA LEU A 482 16.33 -1.10 -19.31
C LEU A 482 16.69 -2.53 -19.69
N CYS A 483 17.78 -2.69 -20.47
CA CYS A 483 18.38 -3.99 -20.68
C CYS A 483 18.57 -4.69 -19.34
N MET A 484 18.21 -5.97 -19.29
CA MET A 484 18.44 -6.86 -18.16
C MET A 484 19.94 -7.06 -17.85
N ASP A 485 20.81 -6.84 -18.83
CA ASP A 485 22.25 -6.89 -18.53
C ASP A 485 22.85 -5.53 -18.12
N ALA A 486 22.01 -4.49 -18.04
CA ALA A 486 22.42 -3.21 -17.46
C ALA A 486 22.94 -3.44 -16.03
N VAL A 487 23.89 -2.57 -15.63
CA VAL A 487 24.67 -2.77 -14.43
C VAL A 487 24.57 -1.59 -13.46
N GLN A 488 24.44 -1.93 -12.20
CA GLN A 488 24.18 -0.98 -11.13
C GLN A 488 24.96 -1.45 -9.93
N HIS A 489 25.06 -0.61 -8.91
CA HIS A 489 25.78 -0.99 -7.69
C HIS A 489 25.33 -2.33 -7.04
N TRP A 490 24.01 -2.52 -6.86
CA TRP A 490 23.48 -3.74 -6.25
C TRP A 490 23.44 -4.96 -7.18
N GLY A 491 23.61 -4.74 -8.48
CA GLY A 491 23.86 -5.82 -9.42
C GLY A 491 23.34 -5.58 -10.83
N LYS A 492 23.09 -6.66 -11.55
CA LYS A 492 22.54 -6.58 -12.89
C LYS A 492 21.02 -6.34 -12.83
N GLN A 493 20.52 -5.58 -13.80
CA GLN A 493 19.12 -5.21 -13.88
C GLN A 493 18.15 -6.43 -13.78
N TYR A 494 18.53 -7.55 -14.40
CA TYR A 494 17.85 -8.84 -14.26
C TYR A 494 17.43 -9.17 -12.83
N ASP A 495 18.35 -8.89 -11.90
CA ASP A 495 18.16 -9.20 -10.50
C ASP A 495 17.51 -8.04 -9.74
N ILE A 496 17.83 -6.80 -10.11
CA ILE A 496 17.43 -5.66 -9.26
C ILE A 496 16.42 -4.72 -9.90
N HIS A 497 15.86 -5.12 -11.06
CA HIS A 497 14.87 -4.31 -11.75
C HIS A 497 13.72 -3.91 -10.80
N ASN A 498 13.15 -4.88 -10.12
CA ASN A 498 12.01 -4.66 -9.22
C ASN A 498 12.36 -3.73 -8.04
N LEU A 499 13.66 -3.42 -7.89
CA LEU A 499 14.14 -2.62 -6.78
C LEU A 499 14.44 -1.18 -7.11
N TYR A 500 14.23 -0.75 -8.37
CA TYR A 500 14.57 0.62 -8.77
C TYR A 500 13.68 1.66 -8.04
N GLY A 501 12.36 1.46 -8.06
CA GLY A 501 11.47 2.40 -7.37
C GLY A 501 11.69 2.45 -5.89
N TYR A 502 11.87 1.29 -5.29
CA TYR A 502 12.26 1.20 -3.87
C TYR A 502 13.58 1.98 -3.56
N SER A 503 14.62 1.74 -4.35
CA SER A 503 15.92 2.41 -4.15
C SER A 503 15.76 3.93 -4.36
N MET A 504 14.94 4.31 -5.35
CA MET A 504 14.65 5.72 -5.58
C MET A 504 13.89 6.34 -4.40
N ALA A 505 12.91 5.64 -3.83
CA ALA A 505 12.21 6.16 -2.62
C ALA A 505 13.18 6.32 -1.47
N VAL A 506 14.08 5.34 -1.27
CA VAL A 506 15.06 5.41 -0.16
C VAL A 506 15.93 6.67 -0.33
N ALA A 507 16.35 6.93 -1.57
CA ALA A 507 17.26 8.06 -1.91
C ALA A 507 16.56 9.37 -1.80
N THR A 508 15.27 9.39 -2.12
CA THR A 508 14.49 10.62 -2.05
C THR A 508 14.20 11.04 -0.61
N ALA A 509 13.98 10.05 0.26
CA ALA A 509 13.87 10.26 1.72
C ALA A 509 15.19 10.75 2.34
N GLU A 510 16.31 10.12 1.97
CA GLU A 510 17.63 10.66 2.30
C GLU A 510 17.77 12.14 1.97
N ALA A 511 17.42 12.51 0.74
CA ALA A 511 17.42 13.89 0.28
C ALA A 511 16.55 14.84 1.12
N ALA A 512 15.38 14.35 1.50
CA ALA A 512 14.49 15.08 2.41
C ALA A 512 15.18 15.42 3.74
N LYS A 513 16.09 14.55 4.22
CA LYS A 513 16.90 14.86 5.42
C LYS A 513 17.60 16.21 5.36
N THR A 514 18.03 16.58 4.16
CA THR A 514 18.79 17.80 3.93
C THR A 514 17.86 18.91 3.50
N VAL A 515 16.90 18.57 2.64
CA VAL A 515 16.07 19.57 2.00
C VAL A 515 14.99 20.09 2.96
N PHE A 516 14.50 19.20 3.82
CA PHE A 516 13.48 19.49 4.82
C PHE A 516 13.93 19.03 6.21
N PRO A 517 14.95 19.69 6.80
CA PRO A 517 15.57 19.12 8.01
C PRO A 517 14.60 18.86 9.16
N ASN A 518 14.66 17.64 9.70
CA ASN A 518 13.74 17.13 10.73
C ASN A 518 12.25 17.12 10.41
N LYS A 519 11.87 17.31 9.13
CA LYS A 519 10.46 17.16 8.71
C LYS A 519 10.28 15.85 7.94
N ARG A 520 9.05 15.34 8.01
CA ARG A 520 8.63 14.14 7.29
C ARG A 520 8.49 14.41 5.80
N SER A 521 7.98 15.59 5.47
CA SER A 521 7.64 15.96 4.08
C SER A 521 6.60 14.95 3.53
N PHE A 522 6.72 14.59 2.25
CA PHE A 522 5.77 13.69 1.60
C PHE A 522 6.44 13.18 0.33
N ILE A 523 6.42 11.86 0.12
CA ILE A 523 6.92 11.25 -1.12
C ILE A 523 5.85 10.34 -1.64
N LEU A 524 5.42 10.56 -2.89
CA LEU A 524 4.50 9.69 -3.61
C LEU A 524 5.26 8.95 -4.71
N THR A 525 5.21 7.62 -4.69
CA THR A 525 5.94 6.75 -5.65
C THR A 525 4.99 5.89 -6.50
N ARG A 526 5.37 5.72 -7.77
CA ARG A 526 4.62 4.82 -8.63
C ARG A 526 5.04 3.38 -8.38
N SER A 527 6.33 3.13 -8.60
CA SER A 527 6.88 1.78 -8.45
C SER A 527 7.24 1.48 -6.98
N THR A 528 6.94 0.28 -6.51
CA THR A 528 7.18 -0.09 -5.10
C THR A 528 7.71 -1.50 -5.05
N PHE A 529 8.27 -1.83 -3.90
CA PHE A 529 8.68 -3.18 -3.62
C PHE A 529 8.27 -3.36 -2.17
N ALA A 530 8.41 -4.55 -1.64
CA ALA A 530 8.12 -4.81 -0.23
C ALA A 530 8.95 -3.90 0.64
N GLY A 531 8.24 -3.06 1.39
CA GLY A 531 8.87 -2.14 2.30
C GLY A 531 8.88 -0.69 1.92
N SER A 532 8.43 -0.36 0.70
CA SER A 532 8.40 1.01 0.20
C SER A 532 7.60 1.97 1.04
N GLY A 533 6.60 1.40 1.72
CA GLY A 533 5.80 2.19 2.67
C GLY A 533 6.55 2.86 3.79
N LYS A 534 7.69 2.29 4.17
CA LYS A 534 8.57 2.97 5.11
C LYS A 534 8.89 4.39 4.62
N PHE A 535 8.91 4.58 3.31
CA PHE A 535 9.42 5.81 2.69
C PHE A 535 8.41 6.62 1.94
N ALA A 536 7.37 5.98 1.43
CA ALA A 536 6.50 6.67 0.49
C ALA A 536 5.05 6.20 0.51
N ALA A 537 4.18 7.08 0.05
CA ALA A 537 2.82 6.77 -0.36
C ALA A 537 2.80 6.26 -1.80
N HIS A 538 1.65 5.74 -2.21
CA HIS A 538 1.52 5.18 -3.55
C HIS A 538 0.21 5.64 -4.15
N TRP A 539 0.18 5.87 -5.46
CA TRP A 539 -1.12 5.96 -6.12
C TRP A 539 -1.22 4.86 -7.18
N LEU A 540 -2.46 4.46 -7.51
CA LEU A 540 -2.68 3.23 -8.29
C LEU A 540 -2.45 3.40 -9.79
N GLY A 541 -1.97 4.56 -10.20
CA GLY A 541 -1.55 4.76 -11.59
C GLY A 541 -2.62 5.28 -12.50
N ASP A 542 -2.44 4.99 -13.79
CA ASP A 542 -3.24 5.59 -14.86
C ASP A 542 -4.53 4.84 -15.10
N ASN A 543 -5.49 5.07 -14.19
CA ASN A 543 -6.81 4.54 -14.39
C ASN A 543 -7.58 5.32 -15.47
N THR A 544 -8.88 5.05 -15.54
CA THR A 544 -9.71 5.55 -16.59
C THR A 544 -11.00 5.99 -15.93
N ALA A 545 -11.64 7.00 -16.50
CA ALA A 545 -12.88 7.51 -15.97
C ALA A 545 -14.03 6.58 -16.35
N THR A 546 -14.06 5.38 -15.76
CA THR A 546 -15.16 4.44 -15.95
C THR A 546 -15.68 3.93 -14.60
N TRP A 547 -16.89 3.39 -14.62
CA TRP A 547 -17.47 2.75 -13.44
C TRP A 547 -16.70 1.50 -12.97
N ASP A 548 -16.18 0.72 -13.91
CA ASP A 548 -15.27 -0.41 -13.62
C ASP A 548 -14.09 0.03 -12.78
N ASP A 549 -13.35 1.06 -13.24
CA ASP A 549 -12.22 1.62 -12.47
C ASP A 549 -12.59 2.15 -11.05
N LEU A 550 -13.76 2.76 -10.90
CA LEU A 550 -14.21 3.16 -9.57
C LEU A 550 -14.31 1.94 -8.66
N ARG A 551 -15.01 0.91 -9.12
CA ARG A 551 -15.10 -0.38 -8.40
C ARG A 551 -13.74 -1.05 -8.11
N TRP A 552 -12.87 -1.13 -9.11
CA TRP A 552 -11.54 -1.75 -8.90
C TRP A 552 -10.62 -1.02 -7.94
N SER A 553 -10.90 0.27 -7.68
CA SER A 553 -10.08 1.05 -6.74
C SER A 553 -10.05 0.46 -5.34
N ILE A 554 -11.19 -0.08 -4.89
CA ILE A 554 -11.28 -0.53 -3.51
C ILE A 554 -10.33 -1.69 -3.12
N PRO A 555 -10.32 -2.82 -3.87
CA PRO A 555 -9.39 -3.91 -3.49
C PRO A 555 -7.92 -3.47 -3.63
N GLY A 556 -7.63 -2.60 -4.59
CA GLY A 556 -6.26 -2.05 -4.77
C GLY A 556 -5.78 -1.27 -3.57
N VAL A 557 -6.66 -0.41 -3.04
CA VAL A 557 -6.42 0.30 -1.79
C VAL A 557 -6.20 -0.65 -0.60
N LEU A 558 -7.13 -1.61 -0.39
CA LEU A 558 -7.03 -2.63 0.68
C LEU A 558 -5.74 -3.46 0.57
N GLU A 559 -5.37 -3.84 -0.64
CA GLU A 559 -4.17 -4.63 -0.83
C GLU A 559 -2.92 -3.84 -0.43
N PHE A 560 -2.83 -2.55 -0.76
CA PHE A 560 -1.62 -1.81 -0.36
C PHE A 560 -1.51 -1.56 1.13
N ASN A 561 -2.66 -1.56 1.83
CA ASN A 561 -2.70 -1.50 3.31
C ASN A 561 -2.08 -2.80 3.92
N LEU A 562 -2.34 -3.96 3.32
CA LEU A 562 -1.60 -5.18 3.67
C LEU A 562 -0.09 -5.09 3.39
N PHE A 563 0.30 -4.40 2.32
CA PHE A 563 1.72 -4.31 1.94
C PHE A 563 2.44 -3.23 2.75
N GLY A 564 1.69 -2.56 3.64
CA GLY A 564 2.24 -1.52 4.49
C GLY A 564 2.45 -0.18 3.82
N ILE A 565 1.68 0.10 2.77
CA ILE A 565 1.65 1.41 2.14
C ILE A 565 0.21 1.89 2.33
N PRO A 566 -0.17 2.27 3.57
CA PRO A 566 -1.56 2.58 3.82
C PRO A 566 -2.03 3.86 3.13
N MET A 567 -1.10 4.77 2.85
CA MET A 567 -1.41 6.01 2.15
C MET A 567 -1.43 5.74 0.64
N VAL A 568 -2.60 5.35 0.16
CA VAL A 568 -2.78 4.86 -1.19
C VAL A 568 -4.17 5.27 -1.62
N GLY A 569 -4.30 5.66 -2.89
CA GLY A 569 -5.58 5.78 -3.55
C GLY A 569 -5.42 5.91 -5.05
N PRO A 570 -6.53 5.94 -5.78
CA PRO A 570 -6.44 6.16 -7.21
C PRO A 570 -6.45 7.66 -7.57
N ASP A 571 -6.50 7.93 -8.87
CA ASP A 571 -6.83 9.25 -9.40
C ASP A 571 -8.35 9.31 -9.37
N ILE A 572 -8.87 10.11 -8.44
CA ILE A 572 -10.29 10.29 -8.26
C ILE A 572 -10.80 10.92 -9.53
N CYS A 573 -11.92 10.39 -10.01
CA CYS A 573 -12.59 10.79 -11.25
C CYS A 573 -11.96 10.17 -12.50
N GLY A 574 -10.80 9.56 -12.35
CA GLY A 574 -10.24 8.79 -13.43
C GLY A 574 -9.30 9.65 -14.22
N PHE A 575 -8.07 9.17 -14.35
CA PHE A 575 -7.04 9.84 -15.12
C PHE A 575 -7.43 10.00 -16.60
N ALA A 576 -7.54 8.90 -17.34
CA ALA A 576 -7.79 8.96 -18.78
C ALA A 576 -9.28 9.17 -19.02
N LEU A 577 -9.58 9.97 -20.06
CA LEU A 577 -10.92 10.19 -20.54
C LEU A 577 -11.61 11.35 -19.83
N ASP A 578 -12.61 11.94 -20.49
CA ASP A 578 -13.46 12.94 -19.90
C ASP A 578 -14.36 12.20 -18.89
N THR A 579 -14.51 12.73 -17.69
CA THR A 579 -15.28 12.02 -16.66
C THR A 579 -16.72 12.48 -16.66
N PRO A 580 -17.68 11.53 -16.73
CA PRO A 580 -19.10 11.93 -16.61
C PRO A 580 -19.36 12.57 -15.25
N GLU A 581 -20.21 13.58 -15.21
CA GLU A 581 -20.55 14.18 -13.93
C GLU A 581 -20.96 13.14 -12.84
N GLU A 582 -21.76 12.13 -13.18
CA GLU A 582 -22.33 11.25 -12.14
C GLU A 582 -21.23 10.36 -11.56
N LEU A 583 -20.37 9.86 -12.44
CA LEU A 583 -19.21 9.08 -12.04
C LEU A 583 -18.31 9.91 -11.11
N CYS A 584 -17.92 11.10 -11.55
CA CYS A 584 -17.01 11.94 -10.76
C CYS A 584 -17.63 12.33 -9.42
N ARG A 585 -18.91 12.59 -9.40
CA ARG A 585 -19.60 12.83 -8.14
C ARG A 585 -19.52 11.65 -7.16
N ARG A 586 -19.82 10.43 -7.63
CA ARG A 586 -19.70 9.22 -6.79
C ARG A 586 -18.25 8.93 -6.46
N TRP A 587 -17.36 9.18 -7.43
CA TRP A 587 -15.96 9.00 -7.17
C TRP A 587 -15.46 9.98 -6.14
N MET A 588 -15.89 11.24 -6.18
CA MET A 588 -15.49 12.20 -5.12
C MET A 588 -16.07 11.87 -3.74
N GLN A 589 -17.31 11.38 -3.71
CA GLN A 589 -17.90 10.92 -2.42
C GLN A 589 -17.11 9.80 -1.75
N LEU A 590 -16.78 8.77 -2.53
CA LEU A 590 -15.89 7.69 -2.11
C LEU A 590 -14.48 8.23 -1.84
N GLY A 591 -13.98 9.05 -2.75
CA GLY A 591 -12.58 9.53 -2.72
C GLY A 591 -12.19 10.37 -1.52
N ALA A 592 -13.21 10.96 -0.85
CA ALA A 592 -12.98 11.70 0.40
C ALA A 592 -12.52 10.75 1.50
N PHE A 593 -12.68 9.44 1.26
CA PHE A 593 -12.31 8.42 2.25
C PHE A 593 -11.16 7.48 1.87
N TYR A 594 -10.51 7.71 0.72
CA TYR A 594 -9.26 6.99 0.39
C TYR A 594 -8.20 7.54 1.33
N PRO A 595 -7.34 6.67 1.87
CA PRO A 595 -6.35 7.23 2.79
C PRO A 595 -5.42 8.28 2.10
N PHE A 596 -5.14 8.10 0.81
CA PHE A 596 -4.53 9.13 -0.04
C PHE A 596 -5.57 9.61 -1.01
N SER A 597 -5.89 10.90 -0.93
CA SER A 597 -7.07 11.43 -1.61
C SER A 597 -6.66 12.50 -2.61
N ARG A 598 -6.59 12.14 -3.88
CA ARG A 598 -6.13 13.06 -4.91
C ARG A 598 -7.00 12.96 -6.15
N ASN A 599 -7.59 14.08 -6.57
CA ASN A 599 -8.24 14.20 -7.86
C ASN A 599 -7.13 14.56 -8.87
N HIS A 600 -6.82 13.65 -9.78
CA HIS A 600 -5.82 13.87 -10.84
C HIS A 600 -6.41 13.52 -12.21
N ASN A 601 -5.91 14.14 -13.28
CA ASN A 601 -6.52 14.08 -14.61
C ASN A 601 -5.38 14.01 -15.63
N GLY A 602 -5.60 13.26 -16.72
CA GLY A 602 -4.58 13.16 -17.78
C GLY A 602 -4.60 14.33 -18.73
N GLN A 603 -3.69 14.30 -19.70
CA GLN A 603 -3.45 15.41 -20.62
C GLN A 603 -4.62 15.58 -21.59
N GLY A 604 -5.07 16.82 -21.74
CA GLY A 604 -6.01 17.14 -22.78
C GLY A 604 -7.48 16.89 -22.45
N TYR A 605 -7.77 16.15 -21.38
CA TYR A 605 -9.17 15.81 -21.08
C TYR A 605 -9.90 16.97 -20.40
N LYS A 606 -11.24 16.94 -20.41
CA LYS A 606 -12.02 18.03 -19.83
C LYS A 606 -11.64 18.18 -18.35
N ASP A 607 -11.79 19.38 -17.81
CA ASP A 607 -11.49 19.65 -16.40
C ASP A 607 -12.33 18.75 -15.50
N GLN A 608 -11.72 18.26 -14.40
CA GLN A 608 -12.43 17.42 -13.43
C GLN A 608 -12.20 17.79 -11.99
N ASP A 609 -11.55 18.95 -11.76
CA ASP A 609 -11.41 19.52 -10.46
C ASP A 609 -12.82 19.85 -9.95
N PRO A 610 -13.06 19.62 -8.66
CA PRO A 610 -14.43 19.78 -8.15
C PRO A 610 -15.17 21.07 -8.56
N ALA A 611 -14.52 22.25 -8.46
CA ALA A 611 -15.19 23.52 -8.76
C ALA A 611 -15.43 23.78 -10.25
N SER A 612 -14.92 22.91 -11.13
CA SER A 612 -15.10 23.09 -12.58
C SER A 612 -16.50 22.66 -13.03
N PHE A 613 -17.20 21.94 -12.14
CA PHE A 613 -18.56 21.46 -12.42
C PHE A 613 -19.63 22.50 -12.08
N GLY A 614 -19.21 23.59 -11.44
CA GLY A 614 -20.08 24.72 -11.19
C GLY A 614 -20.07 25.12 -9.74
N ALA A 615 -20.01 26.43 -9.51
CA ALA A 615 -19.95 27.01 -8.18
C ALA A 615 -21.11 26.53 -7.33
N ASP A 616 -22.21 26.14 -7.99
CA ASP A 616 -23.42 25.70 -7.30
C ASP A 616 -23.82 24.26 -7.63
N SER A 617 -22.93 23.52 -8.27
CA SER A 617 -23.25 22.16 -8.74
C SER A 617 -23.45 21.14 -7.60
N LEU A 618 -24.25 20.08 -7.85
CA LEU A 618 -24.44 19.02 -6.86
C LEU A 618 -23.11 18.36 -6.53
N LEU A 619 -22.23 18.29 -7.52
CA LEU A 619 -20.93 17.65 -7.35
C LEU A 619 -20.01 18.42 -6.43
N LEU A 620 -19.94 19.74 -6.61
CA LEU A 620 -19.07 20.56 -5.77
C LEU A 620 -19.58 20.57 -4.35
N ASN A 621 -20.88 20.79 -4.20
CA ASN A 621 -21.57 20.74 -2.91
C ASN A 621 -21.35 19.43 -2.16
N SER A 622 -21.61 18.30 -2.81
CA SER A 622 -21.33 16.98 -2.23
C SER A 622 -19.83 16.76 -1.93
N SER A 623 -18.97 17.15 -2.86
CA SER A 623 -17.55 17.02 -2.63
C SER A 623 -17.09 17.74 -1.41
N ARG A 624 -17.52 19.00 -1.28
CA ARG A 624 -17.18 19.81 -0.15
C ARG A 624 -17.74 19.20 1.11
N HIS A 625 -19.00 18.76 1.07
CA HIS A 625 -19.63 18.12 2.24
C HIS A 625 -18.82 16.93 2.79
N TYR A 626 -18.49 15.96 1.95
CA TYR A 626 -17.81 14.76 2.40
C TYR A 626 -16.33 14.98 2.64
N LEU A 627 -15.77 15.96 1.96
CA LEU A 627 -14.40 16.35 2.31
C LEU A 627 -14.39 17.03 3.66
N ASN A 628 -15.48 17.73 4.01
CA ASN A 628 -15.49 18.38 5.33
C ASN A 628 -15.62 17.34 6.41
N ILE A 629 -16.29 16.24 6.07
CA ILE A 629 -16.37 15.07 6.97
C ILE A 629 -15.04 14.36 7.10
N ARG A 630 -14.34 14.12 5.98
CA ARG A 630 -12.97 13.60 6.07
C ARG A 630 -12.13 14.44 7.02
N TYR A 631 -12.16 15.76 6.81
CA TYR A 631 -11.31 16.69 7.62
C TYR A 631 -11.72 16.69 9.11
N THR A 632 -13.01 16.63 9.37
CA THR A 632 -13.50 16.43 10.74
C THR A 632 -12.88 15.21 11.39
N LEU A 633 -12.69 14.13 10.64
CA LEU A 633 -12.26 12.86 11.22
C LEU A 633 -10.78 12.68 11.06
N LEU A 634 -10.07 13.75 10.70
CA LEU A 634 -8.59 13.63 10.58
C LEU A 634 -7.85 13.24 11.86
N PRO A 635 -8.27 13.74 13.06
CA PRO A 635 -7.59 13.15 14.21
C PRO A 635 -7.73 11.63 14.37
N TYR A 636 -8.92 11.09 14.05
CA TYR A 636 -9.13 9.65 13.95
C TYR A 636 -8.23 9.01 12.88
N LEU A 637 -8.27 9.50 11.64
CA LEU A 637 -7.39 8.98 10.57
C LEU A 637 -5.92 9.03 10.96
N TYR A 638 -5.51 10.14 11.55
CA TYR A 638 -4.10 10.32 11.92
C TYR A 638 -3.65 9.32 12.99
N THR A 639 -4.52 9.05 13.96
CA THR A 639 -4.25 8.06 14.97
C THR A 639 -4.11 6.65 14.36
N LEU A 640 -4.93 6.35 13.36
CA LEU A 640 -4.85 5.08 12.62
C LEU A 640 -3.49 4.95 11.92
N PHE A 641 -3.02 6.05 11.35
CA PHE A 641 -1.64 6.10 10.77
C PHE A 641 -0.60 5.96 11.84
N PHE A 642 -0.87 6.49 13.04
CA PHE A 642 0.08 6.33 14.13
C PHE A 642 0.16 4.86 14.49
N ARG A 643 -0.98 4.16 14.45
CA ARG A 643 -0.97 2.74 14.77
C ARG A 643 -0.35 1.91 13.66
N ALA A 644 -0.55 2.30 12.39
CA ALA A 644 0.09 1.65 11.26
C ALA A 644 1.63 1.78 11.34
N HIS A 645 2.10 2.99 11.63
CA HIS A 645 3.51 3.25 11.89
C HIS A 645 4.16 2.57 13.11
N SER A 646 3.47 2.51 14.26
CA SER A 646 4.08 2.03 15.49
C SER A 646 3.84 0.54 15.77
N ARG A 647 2.83 -0.03 15.15
CA ARG A 647 2.39 -1.37 15.50
C ARG A 647 2.15 -2.22 14.28
N GLY A 648 1.76 -1.57 13.18
CA GLY A 648 1.58 -2.25 11.92
C GLY A 648 0.13 -2.56 11.55
N ASP A 649 -0.81 -1.83 12.13
CA ASP A 649 -2.21 -1.96 11.74
C ASP A 649 -2.47 -1.41 10.33
N THR A 650 -3.47 -1.94 9.65
CA THR A 650 -3.96 -1.33 8.41
C THR A 650 -4.68 0.00 8.71
N VAL A 651 -4.88 0.85 7.70
CA VAL A 651 -5.61 2.10 7.85
C VAL A 651 -6.97 1.93 7.17
N ALA A 652 -6.99 1.80 5.83
CA ALA A 652 -8.18 1.33 5.12
C ALA A 652 -8.15 -0.19 5.33
N ARG A 653 -9.25 -0.73 5.86
CA ARG A 653 -9.28 -2.07 6.36
C ARG A 653 -10.46 -2.84 5.75
N PRO A 654 -10.23 -4.12 5.38
CA PRO A 654 -11.32 -4.96 4.93
C PRO A 654 -12.27 -5.18 6.10
N LEU A 655 -13.55 -5.27 5.82
CA LEU A 655 -14.55 -5.68 6.83
C LEU A 655 -14.17 -6.98 7.51
N LEU A 656 -13.58 -7.92 6.79
CA LEU A 656 -13.26 -9.23 7.36
C LEU A 656 -12.17 -9.17 8.44
N HIS A 657 -11.39 -8.09 8.48
CA HIS A 657 -10.35 -7.94 9.50
C HIS A 657 -10.95 -7.64 10.86
N GLU A 658 -12.16 -7.08 10.85
CA GLU A 658 -12.88 -6.79 12.07
C GLU A 658 -13.98 -7.82 12.32
N PHE A 659 -14.49 -8.42 11.26
CA PHE A 659 -15.69 -9.28 11.34
C PHE A 659 -15.48 -10.66 10.71
N TYR A 660 -14.24 -11.17 10.84
CA TYR A 660 -13.80 -12.48 10.30
C TYR A 660 -14.62 -13.65 10.80
N GLU A 661 -15.31 -13.48 11.93
CA GLU A 661 -16.20 -14.51 12.48
C GLU A 661 -17.42 -14.69 11.60
N ASP A 662 -17.63 -13.68 10.74
CA ASP A 662 -18.78 -13.60 9.85
C ASP A 662 -18.38 -13.84 8.40
N ASN A 663 -18.59 -15.06 7.90
CA ASN A 663 -18.16 -15.45 6.55
C ASN A 663 -18.74 -14.58 5.41
N SER A 664 -19.87 -13.91 5.66
CA SER A 664 -20.45 -12.97 4.67
C SER A 664 -19.55 -11.78 4.39
N THR A 665 -18.55 -11.55 5.24
CA THR A 665 -17.67 -10.42 5.05
C THR A 665 -16.39 -10.85 4.28
N TRP A 666 -16.20 -12.15 4.04
CA TRP A 666 -14.93 -12.69 3.51
C TRP A 666 -14.59 -12.26 2.06
N ASP A 667 -15.60 -11.94 1.29
CA ASP A 667 -15.34 -11.48 -0.06
C ASP A 667 -15.87 -10.10 -0.31
N VAL A 668 -16.23 -9.36 0.75
CA VAL A 668 -16.73 -8.00 0.60
C VAL A 668 -15.60 -7.10 0.18
N HIS A 669 -15.79 -6.42 -0.94
CA HIS A 669 -14.78 -5.56 -1.56
C HIS A 669 -15.39 -4.26 -2.12
N GLN A 670 -16.68 -4.04 -1.85
CA GLN A 670 -17.39 -2.84 -2.31
C GLN A 670 -17.62 -1.85 -1.16
N GLN A 671 -17.20 -2.25 0.03
CA GLN A 671 -17.21 -1.43 1.23
C GLN A 671 -15.87 -1.60 1.89
N PHE A 672 -15.48 -0.67 2.74
CA PHE A 672 -14.31 -0.85 3.57
C PHE A 672 -14.45 -0.06 4.87
N LEU A 673 -13.51 -0.27 5.77
CA LEU A 673 -13.47 0.49 6.99
C LEU A 673 -12.29 1.46 7.04
N TRP A 674 -12.48 2.57 7.74
CA TRP A 674 -11.32 3.27 8.29
C TRP A 674 -11.05 2.65 9.65
N GLY A 675 -9.91 1.97 9.80
CA GLY A 675 -9.62 1.39 11.10
C GLY A 675 -10.80 0.52 11.59
N PRO A 676 -10.96 0.40 12.91
CA PRO A 676 -11.96 -0.54 13.37
C PRO A 676 -13.42 -0.03 13.33
N GLY A 677 -13.64 1.28 13.19
CA GLY A 677 -14.96 1.84 13.57
C GLY A 677 -15.83 2.60 12.59
N LEU A 678 -15.28 2.95 11.42
CA LEU A 678 -16.03 3.67 10.37
C LEU A 678 -16.23 2.85 9.09
N LEU A 679 -17.50 2.55 8.82
CA LEU A 679 -17.90 1.79 7.66
C LEU A 679 -18.32 2.69 6.49
N ILE A 680 -17.65 2.54 5.34
CA ILE A 680 -17.85 3.37 4.17
C ILE A 680 -18.54 2.51 3.11
N THR A 681 -19.73 2.94 2.67
CA THR A 681 -20.54 2.24 1.69
C THR A 681 -20.84 3.14 0.47
N PRO A 682 -19.95 3.13 -0.55
CA PRO A 682 -20.19 3.89 -1.77
C PRO A 682 -21.22 3.29 -2.73
N VAL A 683 -21.89 4.16 -3.46
CA VAL A 683 -22.66 3.76 -4.64
C VAL A 683 -21.64 3.60 -5.75
N LEU A 684 -21.64 2.42 -6.36
CA LEU A 684 -20.60 2.04 -7.29
C LEU A 684 -21.14 1.74 -8.68
N ASP A 685 -22.46 1.87 -8.84
CA ASP A 685 -23.16 1.51 -10.10
C ASP A 685 -23.83 2.70 -10.78
N GLU A 686 -23.62 2.83 -12.09
CA GLU A 686 -24.18 3.95 -12.90
C GLU A 686 -25.70 4.00 -12.78
N GLY A 687 -26.23 5.19 -12.48
CA GLY A 687 -27.67 5.39 -12.44
C GLY A 687 -28.25 5.10 -11.07
N ALA A 688 -27.39 4.60 -10.17
CA ALA A 688 -27.86 4.09 -8.88
C ALA A 688 -28.06 5.13 -7.77
N GLU A 689 -29.14 4.95 -7.02
CA GLU A 689 -29.38 5.74 -5.83
C GLU A 689 -29.65 4.80 -4.63
N LYS A 690 -29.04 3.63 -4.76
CA LYS A 690 -29.14 2.51 -3.85
C LYS A 690 -27.81 1.77 -3.92
N VAL A 691 -27.41 1.16 -2.81
CA VAL A 691 -26.31 0.23 -2.87
C VAL A 691 -26.72 -1.03 -2.11
N MET A 692 -26.44 -2.18 -2.71
CA MET A 692 -26.56 -3.46 -2.01
C MET A 692 -25.32 -3.62 -1.14
N ALA A 693 -25.52 -3.58 0.18
CA ALA A 693 -24.43 -3.44 1.14
C ALA A 693 -24.51 -4.50 2.21
N TYR A 694 -23.36 -4.84 2.78
CA TYR A 694 -23.34 -5.69 3.94
C TYR A 694 -23.19 -4.90 5.25
N VAL A 695 -24.12 -5.12 6.17
CA VAL A 695 -23.99 -4.53 7.50
C VAL A 695 -23.50 -5.59 8.52
N PRO A 696 -22.24 -5.47 8.95
CA PRO A 696 -21.66 -6.40 9.90
C PRO A 696 -22.36 -6.54 11.26
N ASP A 697 -21.92 -7.56 12.00
CA ASP A 697 -22.44 -7.90 13.33
C ASP A 697 -21.98 -6.91 14.41
N ALA A 698 -22.66 -5.77 14.47
CA ALA A 698 -22.36 -4.70 15.41
C ALA A 698 -23.52 -3.75 15.44
N VAL A 699 -23.56 -2.90 16.45
CA VAL A 699 -24.42 -1.73 16.44
C VAL A 699 -23.80 -0.70 15.49
N TRP A 700 -24.59 -0.18 14.54
CA TRP A 700 -24.15 0.88 13.62
C TRP A 700 -25.04 2.11 13.78
N TYR A 701 -24.41 3.29 13.69
CA TYR A 701 -25.08 4.59 13.70
C TYR A 701 -24.78 5.36 12.45
N ASP A 702 -25.82 5.92 11.86
CA ASP A 702 -25.63 6.87 10.77
C ASP A 702 -24.75 8.03 11.22
N TYR A 703 -23.68 8.28 10.47
CA TYR A 703 -22.71 9.28 10.86
C TYR A 703 -23.32 10.68 11.02
N GLU A 704 -24.12 11.13 10.07
CA GLU A 704 -24.66 12.50 10.09
C GLU A 704 -25.81 12.73 11.08
N THR A 705 -26.77 11.82 11.12
CA THR A 705 -27.89 11.97 12.06
C THR A 705 -27.56 11.44 13.45
N GLY A 706 -26.74 10.39 13.51
CA GLY A 706 -26.41 9.76 14.77
C GLY A 706 -27.40 8.65 15.13
N SER A 707 -28.41 8.43 14.29
CA SER A 707 -29.42 7.41 14.54
C SER A 707 -28.94 5.99 14.33
N GLN A 708 -29.36 5.11 15.23
CA GLN A 708 -28.99 3.69 15.18
C GLN A 708 -29.78 2.97 14.09
N VAL A 709 -29.06 2.42 13.13
CA VAL A 709 -29.68 1.62 12.08
C VAL A 709 -30.32 0.39 12.71
N ARG A 710 -31.36 -0.13 12.07
CA ARG A 710 -31.95 -1.37 12.60
C ARG A 710 -31.25 -2.61 12.02
N TRP A 711 -30.51 -2.41 10.95
CA TRP A 711 -29.73 -3.52 10.37
C TRP A 711 -28.61 -3.99 11.29
N ARG A 712 -28.42 -5.31 11.35
CA ARG A 712 -27.28 -5.95 12.00
C ARG A 712 -27.05 -7.34 11.38
N LYS A 713 -25.83 -7.57 10.90
CA LYS A 713 -25.41 -8.87 10.32
C LYS A 713 -26.31 -9.33 9.17
N GLN A 714 -26.38 -8.51 8.12
CA GLN A 714 -27.28 -8.81 7.01
C GLN A 714 -26.96 -7.94 5.81
N LYS A 715 -27.32 -8.43 4.62
CA LYS A 715 -27.30 -7.62 3.39
C LYS A 715 -28.49 -6.68 3.38
N VAL A 716 -28.26 -5.45 2.93
CA VAL A 716 -29.31 -4.45 2.86
C VAL A 716 -29.26 -3.68 1.55
N GLU A 717 -30.38 -3.08 1.20
CA GLU A 717 -30.43 -2.10 0.13
C GLU A 717 -30.34 -0.73 0.81
N MET A 718 -29.14 -0.13 0.81
CA MET A 718 -28.94 1.16 1.46
C MET A 718 -29.37 2.25 0.49
N GLU A 719 -30.25 3.15 0.93
CA GLU A 719 -30.77 4.22 0.05
C GLU A 719 -29.72 5.32 0.04
N LEU A 720 -29.13 5.55 -1.11
CA LEU A 720 -28.08 6.56 -1.22
C LEU A 720 -28.31 7.45 -2.44
N PRO A 721 -29.07 8.53 -2.25
CA PRO A 721 -29.39 9.48 -3.30
C PRO A 721 -28.09 10.09 -3.85
N GLY A 722 -28.18 10.87 -4.92
CA GLY A 722 -26.99 11.40 -5.60
C GLY A 722 -26.05 12.20 -4.74
N ASP A 723 -26.56 12.74 -3.61
CA ASP A 723 -25.75 13.54 -2.70
C ASP A 723 -25.20 12.76 -1.51
N LYS A 724 -25.30 11.43 -1.52
CA LYS A 724 -24.90 10.67 -0.34
C LYS A 724 -23.95 9.49 -0.61
N ILE A 725 -23.13 9.19 0.39
CA ILE A 725 -22.40 7.96 0.50
C ILE A 725 -22.74 7.43 1.88
N GLY A 726 -22.75 6.11 2.04
CA GLY A 726 -23.01 5.51 3.35
C GLY A 726 -21.82 5.67 4.27
N LEU A 727 -22.04 6.27 5.43
CA LEU A 727 -21.04 6.35 6.48
C LEU A 727 -21.68 5.93 7.78
N HIS A 728 -21.21 4.83 8.39
CA HIS A 728 -21.71 4.43 9.73
C HIS A 728 -20.62 4.22 10.76
N LEU A 729 -20.93 4.61 11.99
CA LEU A 729 -20.05 4.48 13.14
C LEU A 729 -20.40 3.25 13.94
N ARG A 730 -19.35 2.48 14.24
CA ARG A 730 -19.45 1.23 15.02
C ARG A 730 -19.67 1.47 16.52
N GLY A 731 -20.76 0.93 17.08
CA GLY A 731 -21.00 1.01 18.51
C GLY A 731 -19.87 0.34 19.27
N GLY A 732 -19.43 0.94 20.38
CA GLY A 732 -18.24 0.40 21.03
C GLY A 732 -16.98 1.22 20.78
N TYR A 733 -17.10 2.29 20.00
CA TYR A 733 -15.91 3.05 19.60
C TYR A 733 -16.09 4.55 19.82
N ILE A 734 -15.01 5.21 20.22
CA ILE A 734 -14.97 6.66 20.45
C ILE A 734 -14.03 7.28 19.41
N PHE A 735 -14.58 8.26 18.68
CA PHE A 735 -13.93 8.90 17.52
C PHE A 735 -13.60 10.34 17.88
N PRO A 736 -12.29 10.65 17.89
CA PRO A 736 -11.83 12.04 18.04
C PRO A 736 -12.03 12.82 16.77
N THR A 737 -12.57 14.03 16.90
CA THR A 737 -12.80 14.94 15.77
C THR A 737 -12.23 16.33 16.02
N GLN A 738 -12.24 17.15 14.98
CA GLN A 738 -11.73 18.49 15.05
C GLN A 738 -12.45 19.30 14.01
N GLN A 739 -12.96 20.45 14.41
CA GLN A 739 -13.77 21.25 13.52
C GLN A 739 -12.92 21.47 12.27
N PRO A 740 -13.52 21.22 11.09
CA PRO A 740 -12.69 21.32 9.88
C PRO A 740 -12.49 22.74 9.36
N ASN A 741 -11.43 22.91 8.58
CA ASN A 741 -11.20 24.13 7.85
C ASN A 741 -10.70 23.67 6.48
N THR A 742 -10.48 24.61 5.57
CA THR A 742 -10.07 24.27 4.19
C THR A 742 -8.62 23.78 4.08
N THR A 743 -7.84 23.95 5.13
CA THR A 743 -6.50 23.39 5.23
C THR A 743 -6.29 22.75 6.60
N THR A 744 -5.43 21.75 6.69
CA THR A 744 -5.04 21.17 7.99
C THR A 744 -4.17 22.10 8.81
N LEU A 745 -3.49 23.05 8.15
CA LEU A 745 -2.73 24.06 8.88
C LEU A 745 -3.68 24.80 9.83
N ALA A 746 -4.77 25.29 9.27
CA ALA A 746 -5.82 25.94 10.05
C ALA A 746 -6.58 24.95 10.92
N SER A 747 -7.03 23.85 10.34
CA SER A 747 -7.89 22.87 11.04
C SER A 747 -7.29 22.41 12.37
N ARG A 748 -5.98 22.20 12.41
CA ARG A 748 -5.34 21.70 13.63
C ARG A 748 -5.43 22.63 14.86
N LYS A 749 -5.79 23.89 14.64
CA LYS A 749 -6.00 24.88 15.70
C LYS A 749 -7.46 24.94 16.22
N ASN A 750 -8.31 24.12 15.66
CA ASN A 750 -9.74 24.19 15.97
C ASN A 750 -10.16 23.36 17.21
N PRO A 751 -11.32 23.67 17.83
CA PRO A 751 -11.88 22.81 18.88
C PRO A 751 -12.02 21.35 18.44
N LEU A 752 -11.73 20.45 19.35
CA LEU A 752 -11.93 19.05 19.12
C LEU A 752 -13.27 18.60 19.66
N GLY A 753 -13.63 17.38 19.33
CA GLY A 753 -14.89 16.79 19.73
C GLY A 753 -14.62 15.31 19.89
N LEU A 754 -15.55 14.65 20.57
CA LEU A 754 -15.57 13.22 20.68
C LEU A 754 -16.92 12.72 20.17
N ILE A 755 -16.89 11.67 19.34
CA ILE A 755 -18.11 10.90 19.05
C ILE A 755 -17.99 9.55 19.76
N ILE A 756 -18.89 9.34 20.73
CA ILE A 756 -19.01 8.11 21.51
C ILE A 756 -20.20 7.34 20.91
N ALA A 757 -19.93 6.26 20.17
CA ALA A 757 -20.97 5.37 19.71
C ALA A 757 -21.03 4.21 20.68
N LEU A 758 -22.08 4.17 21.49
CA LEU A 758 -22.17 3.14 22.49
C LEU A 758 -22.50 1.77 21.88
N ASP A 759 -21.91 0.71 22.45
CA ASP A 759 -22.28 -0.65 22.08
C ASP A 759 -23.54 -1.08 22.84
N GLU A 760 -23.93 -2.34 22.67
CA GLU A 760 -25.13 -2.91 23.25
C GLU A 760 -25.06 -2.85 24.79
N ASN A 761 -23.84 -2.89 25.31
CA ASN A 761 -23.65 -2.74 26.76
C ASN A 761 -23.45 -1.31 27.25
N LYS A 762 -23.73 -0.33 26.40
CA LYS A 762 -23.58 1.12 26.72
C LYS A 762 -22.14 1.50 27.10
N GLU A 763 -21.19 0.86 26.43
CA GLU A 763 -19.75 1.08 26.67
C GLU A 763 -19.11 1.41 25.32
N ALA A 764 -17.92 2.00 25.37
CA ALA A 764 -17.21 2.42 24.17
C ALA A 764 -15.80 2.75 24.56
N LYS A 765 -14.88 2.68 23.61
CA LYS A 765 -13.47 2.90 23.87
C LYS A 765 -12.88 3.56 22.65
N GLY A 766 -11.84 4.36 22.85
CA GLY A 766 -11.18 4.98 21.73
C GLY A 766 -9.83 5.49 22.17
N GLU A 767 -9.09 6.06 21.23
CA GLU A 767 -7.84 6.71 21.58
C GLU A 767 -7.61 7.92 20.71
N LEU A 768 -6.63 8.75 21.07
CA LEU A 768 -6.20 9.84 20.25
C LEU A 768 -4.70 10.02 20.37
N PHE A 769 -4.00 10.03 19.23
CA PHE A 769 -2.60 10.37 19.14
C PHE A 769 -2.48 11.83 18.68
N TRP A 770 -1.59 12.62 19.29
CA TRP A 770 -1.38 14.00 18.85
C TRP A 770 0.08 14.39 18.97
N ASP A 771 0.64 14.89 17.89
CA ASP A 771 2.00 15.42 17.96
C ASP A 771 2.04 16.68 17.10
N ASP A 772 3.23 17.19 16.77
CA ASP A 772 3.28 18.40 15.98
C ASP A 772 2.86 18.22 14.51
N GLY A 773 2.71 16.97 14.07
CA GLY A 773 2.14 16.72 12.75
C GLY A 773 3.12 16.85 11.58
N GLU A 774 4.40 17.07 11.85
CA GLU A 774 5.34 17.22 10.74
C GLU A 774 6.79 16.86 11.09
N THR A 775 7.13 16.86 12.38
CA THR A 775 8.50 16.53 12.79
C THR A 775 8.82 15.02 12.67
N LYS A 776 9.97 14.71 12.09
CA LYS A 776 10.38 13.30 11.96
C LYS A 776 10.85 12.83 13.35
N ASP A 777 10.61 11.58 13.70
CA ASP A 777 11.14 11.06 14.96
C ASP A 777 10.27 11.38 16.20
N THR A 778 9.06 11.91 16.02
CA THR A 778 8.27 12.27 17.21
C THR A 778 7.90 11.03 18.00
N VAL A 779 7.75 9.89 17.32
CA VAL A 779 7.37 8.64 17.98
C VAL A 779 8.58 8.00 18.67
N ALA A 780 9.66 7.81 17.90
CA ALA A 780 10.91 7.28 18.42
C ALA A 780 11.41 8.06 19.61
N ASN A 781 11.24 9.38 19.56
CA ASN A 781 11.73 10.27 20.60
C ASN A 781 10.68 10.62 21.65
N LYS A 782 9.49 10.05 21.50
CA LYS A 782 8.42 10.20 22.48
C LYS A 782 8.13 11.66 22.76
N VAL A 783 7.84 12.40 21.70
CA VAL A 783 7.37 13.77 21.82
C VAL A 783 5.97 13.72 21.20
N TYR A 784 5.03 13.23 22.00
CA TYR A 784 3.66 13.12 21.57
C TYR A 784 2.69 12.97 22.73
N LEU A 785 1.43 13.20 22.43
CA LEU A 785 0.39 12.90 23.38
C LEU A 785 -0.35 11.62 22.97
N LEU A 786 -0.51 10.66 23.88
CA LEU A 786 -1.46 9.58 23.59
C LEU A 786 -2.47 9.49 24.71
N CYS A 787 -3.74 9.54 24.36
CA CYS A 787 -4.79 9.44 25.34
C CYS A 787 -5.87 8.42 24.99
N GLU A 788 -6.56 7.96 26.03
CA GLU A 788 -7.58 6.93 25.88
C GLU A 788 -8.87 7.35 26.52
N PHE A 789 -9.94 7.06 25.80
CA PHE A 789 -11.27 7.39 26.20
C PHE A 789 -11.91 6.06 26.48
N SER A 790 -12.56 5.96 27.63
CA SER A 790 -13.46 4.85 27.91
C SER A 790 -14.79 5.30 28.50
N VAL A 791 -15.88 4.68 28.06
CA VAL A 791 -17.22 4.91 28.61
C VAL A 791 -17.73 3.58 29.17
N THR A 792 -18.08 3.56 30.45
CA THR A 792 -18.75 2.41 31.08
C THR A 792 -19.85 2.96 31.93
N GLN A 793 -21.09 2.55 31.63
CA GLN A 793 -22.34 3.26 31.96
C GLN A 793 -22.21 4.45 32.93
N ASN A 794 -22.73 5.59 32.49
CA ASN A 794 -22.75 6.80 33.29
C ASN A 794 -21.41 7.54 33.44
N ARG A 795 -20.36 7.13 32.71
CA ARG A 795 -19.02 7.68 32.96
C ARG A 795 -18.06 7.64 31.76
N LEU A 796 -17.62 8.82 31.30
CA LEU A 796 -16.51 8.94 30.34
C LEU A 796 -15.20 9.25 31.06
N GLU A 797 -14.18 8.43 30.83
CA GLU A 797 -12.86 8.68 31.39
C GLU A 797 -11.87 9.03 30.28
N VAL A 798 -11.13 10.11 30.48
CA VAL A 798 -10.04 10.47 29.56
C VAL A 798 -8.78 10.18 30.35
N ASN A 799 -8.03 9.19 29.91
CA ASN A 799 -6.78 8.79 30.52
C ASN A 799 -5.66 9.25 29.61
N ILE A 800 -4.53 9.60 30.19
CA ILE A 800 -3.39 10.05 29.43
C ILE A 800 -2.28 9.05 29.63
N SER A 801 -1.86 8.35 28.58
CA SER A 801 -0.76 7.41 28.74
C SER A 801 0.62 7.96 28.37
N GLN A 802 0.69 8.91 27.45
CA GLN A 802 1.96 9.55 27.07
C GLN A 802 1.65 11.02 26.97
N SER A 803 2.44 11.83 27.64
CA SER A 803 2.12 13.24 27.75
C SER A 803 3.37 14.08 27.60
N THR A 804 4.07 13.91 26.49
CA THR A 804 5.32 14.66 26.30
C THR A 804 5.27 15.69 25.16
N TYR A 805 4.06 16.01 24.72
CA TYR A 805 3.83 17.09 23.78
C TYR A 805 2.57 17.83 24.18
N LYS A 806 2.73 19.15 24.37
CA LYS A 806 1.59 20.02 24.57
C LYS A 806 1.47 21.00 23.42
N ASP A 807 0.39 20.86 22.66
CA ASP A 807 0.06 21.72 21.56
C ASP A 807 -0.11 23.17 22.03
N PRO A 808 0.56 24.13 21.34
CA PRO A 808 0.52 25.51 21.83
C PRO A 808 -0.78 26.28 21.57
N ASN A 809 -1.72 25.66 20.84
CA ASN A 809 -2.93 26.32 20.41
C ASN A 809 -4.15 26.14 21.33
N ASN A 810 -3.90 25.80 22.58
CA ASN A 810 -4.95 25.57 23.60
C ASN A 810 -6.14 24.77 23.10
N LEU A 811 -5.86 23.53 22.73
CA LEU A 811 -6.85 22.69 22.11
C LEU A 811 -7.60 22.03 23.22
N ALA A 812 -8.88 21.81 22.98
CA ALA A 812 -9.71 21.19 23.98
C ALA A 812 -10.91 20.58 23.29
N PHE A 813 -11.32 19.43 23.76
CA PHE A 813 -12.66 18.92 23.42
C PHE A 813 -13.67 19.91 23.95
N ASN A 814 -14.45 20.51 23.07
CA ASN A 814 -15.57 21.39 23.51
C ASN A 814 -16.93 20.84 23.15
N GLU A 815 -16.98 19.62 22.63
CA GLU A 815 -18.25 18.95 22.31
C GLU A 815 -18.08 17.44 22.47
N ILE A 816 -19.06 16.82 23.13
CA ILE A 816 -19.19 15.36 23.20
C ILE A 816 -20.57 14.93 22.70
N LYS A 817 -20.59 14.12 21.65
CA LYS A 817 -21.81 13.60 21.10
C LYS A 817 -21.85 12.12 21.49
N ILE A 818 -22.91 11.71 22.17
CA ILE A 818 -23.09 10.31 22.60
C ILE A 818 -24.21 9.73 21.77
N LEU A 819 -23.93 8.61 21.12
CA LEU A 819 -24.88 7.91 20.24
C LEU A 819 -25.49 6.71 20.99
N GLY A 820 -26.77 6.44 20.74
CA GLY A 820 -27.48 5.30 21.39
C GLY A 820 -27.59 5.42 22.89
N THR A 821 -27.89 6.62 23.38
CA THR A 821 -27.98 6.83 24.82
C THR A 821 -29.40 7.22 25.26
N GLU A 822 -29.75 6.88 26.49
CA GLU A 822 -30.97 7.45 27.09
C GLU A 822 -30.63 8.86 27.57
N GLU A 823 -31.63 9.70 27.87
CA GLU A 823 -31.31 11.08 28.27
C GLU A 823 -30.32 11.18 29.45
N PRO A 824 -29.13 11.81 29.24
CA PRO A 824 -28.23 12.04 30.35
C PRO A 824 -28.73 13.21 31.21
N SER A 825 -28.56 13.10 32.52
CA SER A 825 -28.92 14.16 33.48
C SER A 825 -27.76 14.31 34.45
N ASN A 826 -27.73 15.43 35.17
CA ASN A 826 -26.65 15.78 36.13
C ASN A 826 -25.24 15.55 35.57
N VAL A 827 -24.92 16.15 34.42
CA VAL A 827 -23.58 15.99 33.84
C VAL A 827 -22.52 16.75 34.66
N THR A 828 -21.59 15.97 35.21
CA THR A 828 -20.48 16.47 36.03
C THR A 828 -19.14 16.18 35.34
N VAL A 829 -18.23 17.14 35.41
CA VAL A 829 -16.92 17.03 34.77
C VAL A 829 -15.90 17.20 35.88
N LYS A 830 -15.10 16.17 36.14
CA LYS A 830 -14.08 16.26 37.16
C LYS A 830 -12.69 16.19 36.54
N HIS A 831 -11.77 16.98 37.09
CA HIS A 831 -10.37 17.00 36.71
C HIS A 831 -9.58 16.51 37.91
N ASN A 832 -9.05 15.28 37.82
CA ASN A 832 -8.44 14.58 38.97
C ASN A 832 -9.36 14.56 40.18
N GLY A 833 -10.61 14.18 39.97
CA GLY A 833 -11.59 14.07 41.05
C GLY A 833 -12.14 15.39 41.54
N VAL A 834 -11.65 16.50 40.98
CA VAL A 834 -12.03 17.84 41.41
C VAL A 834 -13.08 18.47 40.50
N PRO A 835 -14.33 18.63 41.02
CA PRO A 835 -15.37 19.36 40.30
C PRO A 835 -15.56 20.79 40.83
N SER A 836 -15.47 21.82 39.99
CA SER A 836 -15.00 21.76 38.60
C SER A 836 -14.78 23.21 38.15
N SER A 839 -21.44 23.50 35.06
CA SER A 839 -22.35 22.54 34.44
C SER A 839 -22.34 22.71 32.91
N PRO A 840 -21.93 21.65 32.18
CA PRO A 840 -22.02 21.68 30.74
C PRO A 840 -23.45 21.82 30.26
N THR A 841 -23.62 22.30 29.04
CA THR A 841 -24.91 22.29 28.36
C THR A 841 -25.13 20.92 27.74
N VAL A 842 -26.35 20.39 27.88
CA VAL A 842 -26.71 19.09 27.32
C VAL A 842 -27.97 19.27 26.46
N THR A 843 -27.84 18.88 25.19
CA THR A 843 -28.94 18.87 24.24
C THR A 843 -29.30 17.41 23.97
N TYR A 844 -30.59 17.09 23.99
CA TYR A 844 -30.99 15.70 23.82
C TYR A 844 -32.08 15.52 22.76
N ASP A 845 -31.90 14.50 21.93
CA ASP A 845 -32.84 14.15 20.91
C ASP A 845 -33.39 12.78 21.27
N SER A 846 -34.60 12.77 21.83
CA SER A 846 -35.22 11.55 22.33
C SER A 846 -35.62 10.58 21.23
N ASN A 847 -35.95 11.09 20.04
CA ASN A 847 -36.26 10.22 18.90
C ASN A 847 -35.04 9.45 18.44
N LEU A 848 -33.94 10.18 18.25
CA LEU A 848 -32.72 9.60 17.71
C LEU A 848 -31.84 8.91 18.74
N LYS A 849 -32.10 9.17 20.04
CA LYS A 849 -31.25 8.70 21.14
C LYS A 849 -29.81 9.28 21.07
N VAL A 850 -29.71 10.59 20.80
CA VAL A 850 -28.45 11.30 20.72
C VAL A 850 -28.41 12.42 21.76
N ALA A 851 -27.35 12.43 22.56
CA ALA A 851 -27.05 13.54 23.45
C ALA A 851 -25.80 14.27 22.92
N ILE A 852 -25.82 15.61 22.96
CA ILE A 852 -24.62 16.43 22.68
C ILE A 852 -24.32 17.25 23.92
N ILE A 853 -23.09 17.12 24.43
CA ILE A 853 -22.63 17.86 25.56
C ILE A 853 -21.73 18.96 25.02
N THR A 854 -22.16 20.20 25.26
CA THR A 854 -21.40 21.41 24.91
C THR A 854 -21.16 22.28 26.13
N ASP A 855 -20.62 23.48 25.91
CA ASP A 855 -20.21 24.38 26.99
C ASP A 855 -19.29 23.64 27.98
N ILE A 856 -18.28 23.00 27.41
CA ILE A 856 -17.39 22.13 28.14
C ILE A 856 -16.02 22.41 27.55
N ASP A 857 -14.97 22.14 28.33
CA ASP A 857 -13.62 22.50 27.91
C ASP A 857 -12.66 21.48 28.49
N LEU A 858 -12.49 20.35 27.79
CA LEU A 858 -11.57 19.32 28.25
C LEU A 858 -10.21 19.50 27.56
N LEU A 859 -9.28 20.13 28.24
CA LEU A 859 -7.97 20.39 27.67
C LEU A 859 -7.28 19.13 27.17
N LEU A 860 -6.96 19.16 25.88
CA LEU A 860 -6.10 18.12 25.30
C LEU A 860 -4.89 17.96 26.20
N GLY A 861 -4.58 16.72 26.56
CA GLY A 861 -3.45 16.43 27.43
C GLY A 861 -3.80 16.30 28.91
N GLU A 862 -5.05 16.56 29.30
CA GLU A 862 -5.44 16.42 30.71
C GLU A 862 -6.41 15.27 30.93
N ALA A 863 -6.29 14.61 32.08
CA ALA A 863 -7.20 13.56 32.47
C ALA A 863 -8.50 14.15 33.04
N TYR A 864 -9.64 13.57 32.65
CA TYR A 864 -10.97 14.01 33.09
C TYR A 864 -11.88 12.81 33.29
N THR A 865 -12.89 12.99 34.13
CA THR A 865 -14.01 12.08 34.24
C THR A 865 -15.27 12.92 33.98
N VAL A 866 -16.07 12.51 33.02
CA VAL A 866 -17.36 13.15 32.78
C VAL A 866 -18.35 12.12 33.25
N GLU A 867 -19.27 12.53 34.12
CA GLU A 867 -20.20 11.60 34.75
C GLU A 867 -21.62 12.07 34.56
N TRP A 868 -22.54 11.13 34.37
CA TRP A 868 -23.93 11.47 34.26
C TRP A 868 -24.84 10.40 34.85
N ALA A 869 -26.12 10.73 35.02
CA ALA A 869 -27.11 9.78 35.48
C ALA A 869 -28.18 9.63 34.40
N HIS A 870 -29.10 8.68 34.62
CA HIS A 870 -30.27 8.50 33.77
C HIS A 870 -31.49 8.42 34.68
#